data_8X8L
#
_entry.id   8X8L
#
_cell.length_a   1.00
_cell.length_b   1.00
_cell.length_c   1.00
_cell.angle_alpha   90.00
_cell.angle_beta   90.00
_cell.angle_gamma   90.00
#
_symmetry.space_group_name_H-M   'P 1'
#
loop_
_entity.id
_entity.type
_entity.pdbx_description
1 polymer 'Guanine nucleotide-binding protein G(i) subunit alpha'
2 polymer 'Guanine nucleotide-binding protein G(I)/G(S)/G(T) subunit beta-1'
3 polymer Cortistatin
4 polymer ScFv16
5 polymer 'Guanine nucleotide-binding protein G(I)/G(S)/G(O) subunit gamma-2'
6 polymer 'Somatostatin receptor type 5'
#
loop_
_entity_poly.entity_id
_entity_poly.type
_entity_poly.pdbx_seq_one_letter_code
_entity_poly.pdbx_strand_id
1 'polypeptide(L)'
;GCTLSAEDKAAVERSKMIEKQLQKDKQVYRATHRLLLLGADNSGKSTIVKQMRIYHVNGYSEEECKQYKAVVYSNTIQSI
IAIIRAMGRLKIDFGDSARADDARQLFVLAGAAEEGFMTAELAGVIKRLWKDSGVQACFNRSREYQLNDSAAYYLNDLDR
IAQPNYIPTQQDVLRTRVKTSGIFETKFQVDKVNFHMFDVGAQRDERRKWIQCFNDVTAIIFVVDSSDYNRLQEALNDFK
SIWNNRWLRTISVILFLNKQDLLAEKVLAGKSKIEDYFPEFARYTTPEDATPEPGEDPRVTRAKYFIRDEFLRISTASGD
GRHYCYPHFTCSVDTENARRIFNDVTDIIIKMNLRDCGLF
;
A
2 'polypeptide(L)'
;MGSLLQSELDQLRQEAEQLKNQIRDARKACADATLSQITNNIDPVGRIQMRTRRTLRGHLAKIYAMHWGTDSRLLVSASQ
DGKLIIWDSYTTNKVHAIPLRSSWVMTCAYAPSGNYVACGGLDNICSIYNLKTREGNVRVSRELAGHTGYLSCCRFLDDN
QIVTSSGDTTCALWDIETGQQTTTFTGHTGDVMSLSLAPDTRLFVSGACDASAKLWDVREGMCRQTFTGHESDINAICFF
PNGNAFATGSDDATCRLFDLRADQELMTYSHDNIICGITSVSFSKSGRLLLAGYDDFNCNVWDALKADRAGVLAGHDNRV
SCLGVTDDGMAVATGSWDSFLKIWNGSSGGGGSGGGGSSGVSGWRLFKKIS
;
B
3 'polypeptide(L)' DRMPCRNFFWKTFSSCK C
4 'polypeptide(L)'
;DVQLVESGGGLVQPGGSRKLSCSASGFAFSSFGMHWVRQAPEKGLEWVAYISSGSGTIYYADTVKGRFTISRDDPKNTLF
LQMTSLRSEDTAMYYCVRSIYYYGSSPFDFWGQGTTLTVSSGGGGSGGGGSGGGSADIVMTQATSSVPVTPGESVSISCR
SSKSLLHSNGNTYLYWFLQRPGQSPQLLIYRMSNLASGVPDRFSGSGSGTAFTLTISRLEAEDVGVYYCMQHLEYPLTFG
AGTKLELK
;
E
5 'polypeptide(L)' ASNNTASIAQARKLVEQLKMEANIDRIKVSKAAADLMAYCEAHAKEDPLLTPVPASENPFREKKFFCAIL G
6 'polypeptide(L)'
;MEPLFPASTPSWNASSPGAASGGGDNRTLVGPAPSAGARAVLVPVLYLLVCAAGLGGNTLVIYVVLRFAKMKTVTNIYIL
NLAVADVLYMLGLPFLATQNAASFWPFGPVLCRLVMTLDGVNQFTSVFCLTVMSVDRYLAVVHPLSSARWRRPRVAKLAS
AAAWVLSLCMSLPLLVFADVQEGGTCNASWPEPVGLWGAVFIIYTAVLGFFAPLLVICLCYLLIVVKVRAAGVRVGCVRR
RSERKVTRMVLVLVLVFAGCWLPFFTVNIVNLAVALPQEPASAGLYFFVVILSYANSCANPVLYGFLSDNFRQSFQKVLC
LRKGSGAKDADATEPRPDRIRQQQEATPPAHRAAANGLMQTSKL
;
R
#
# COMPACT_ATOMS: atom_id res chain seq x y z
N THR A 3 -14.13 7.02 -25.19
CA THR A 3 -13.30 8.08 -24.54
C THR A 3 -13.94 8.51 -23.22
N LEU A 4 -13.37 9.54 -22.60
CA LEU A 4 -13.81 10.02 -21.30
C LEU A 4 -14.72 11.23 -21.47
N SER A 5 -15.70 11.33 -20.57
CA SER A 5 -16.60 12.47 -20.56
C SER A 5 -15.88 13.70 -19.97
N ALA A 6 -16.56 14.84 -20.02
CA ALA A 6 -15.97 16.07 -19.52
C ALA A 6 -15.65 15.97 -18.03
N GLU A 7 -16.60 15.44 -17.24
CA GLU A 7 -16.37 15.33 -15.81
C GLU A 7 -15.42 14.20 -15.47
N ASP A 8 -15.36 13.16 -16.28
CA ASP A 8 -14.40 12.08 -16.05
C ASP A 8 -12.97 12.60 -16.17
N LYS A 9 -12.72 13.50 -17.11
CA LYS A 9 -11.39 14.10 -17.23
C LYS A 9 -11.02 14.87 -15.96
N ALA A 10 -11.97 15.65 -15.42
CA ALA A 10 -11.71 16.38 -14.19
C ALA A 10 -11.48 15.43 -13.03
N ALA A 11 -12.22 14.33 -12.97
CA ALA A 11 -12.01 13.35 -11.92
C ALA A 11 -10.61 12.74 -12.02
N VAL A 12 -10.17 12.44 -13.25
CA VAL A 12 -8.82 11.91 -13.44
C VAL A 12 -7.77 12.94 -13.03
N GLU A 13 -8.01 14.21 -13.34
CA GLU A 13 -7.07 15.25 -12.93
C GLU A 13 -7.00 15.35 -11.41
N ARG A 14 -8.15 15.26 -10.74
CA ARG A 14 -8.14 15.28 -9.27
C ARG A 14 -7.41 14.06 -8.71
N SER A 15 -7.61 12.89 -9.31
CA SER A 15 -6.91 11.70 -8.86
C SER A 15 -5.41 11.85 -9.02
N LYS A 16 -4.98 12.42 -10.15
CA LYS A 16 -3.55 12.66 -10.36
C LYS A 16 -3.00 13.65 -9.33
N MET A 17 -3.77 14.69 -9.01
CA MET A 17 -3.34 15.64 -7.99
C MET A 17 -3.20 14.96 -6.63
N ILE A 18 -4.15 14.07 -6.30
CA ILE A 18 -4.09 13.36 -5.04
C ILE A 18 -2.90 12.42 -5.00
N GLU A 19 -2.60 11.76 -6.13
CA GLU A 19 -1.41 10.93 -6.21
C GLU A 19 -0.15 11.75 -6.01
N LYS A 20 -0.08 12.94 -6.61
CA LYS A 20 1.06 13.82 -6.40
C LYS A 20 1.19 14.20 -4.93
N GLN A 21 0.06 14.50 -4.27
CA GLN A 21 0.09 14.79 -2.84
C GLN A 21 0.64 13.61 -2.06
N LEU A 22 0.21 12.39 -2.43
CA LEU A 22 0.72 11.20 -1.76
C LEU A 22 2.22 11.06 -1.96
N GLN A 23 2.71 11.37 -3.16
CA GLN A 23 4.14 11.22 -3.44
C GLN A 23 4.98 12.08 -2.51
N LYS A 24 4.54 13.32 -2.26
CA LYS A 24 5.28 14.19 -1.34
C LYS A 24 5.27 13.61 0.06
N ASP A 25 4.14 13.04 0.48
CA ASP A 25 4.06 12.45 1.81
C ASP A 25 5.00 11.26 1.96
N LYS A 26 5.25 10.54 0.87
CA LYS A 26 6.12 9.36 0.94
C LYS A 26 7.55 9.75 1.31
N GLN A 27 8.03 10.88 0.77
CA GLN A 27 9.39 11.30 1.05
C GLN A 27 9.61 11.54 2.55
N VAL A 28 8.64 12.19 3.20
CA VAL A 28 8.73 12.37 4.65
C VAL A 28 8.68 11.03 5.36
N TYR A 29 7.83 10.13 4.89
CA TYR A 29 7.65 8.83 5.56
C TYR A 29 8.95 8.05 5.59
N ARG A 30 9.66 7.99 4.46
CA ARG A 30 10.94 7.28 4.44
C ARG A 30 11.99 8.02 5.26
N ALA A 31 12.04 9.35 5.15
CA ALA A 31 13.01 10.12 5.91
C ALA A 31 12.76 9.99 7.41
N THR A 32 11.49 10.05 7.82
CA THR A 32 11.16 9.90 9.24
C THR A 32 11.43 8.49 9.71
N HIS A 33 11.97 8.37 10.92
CA HIS A 33 12.29 7.09 11.53
C HIS A 33 11.36 6.87 12.72
N ARG A 34 10.70 5.72 12.76
CA ARG A 34 9.73 5.38 13.79
C ARG A 34 10.37 4.43 14.79
N LEU A 35 10.20 4.74 16.09
CA LEU A 35 10.77 3.95 17.17
C LEU A 35 9.67 3.58 18.16
N LEU A 36 9.77 2.37 18.69
CA LEU A 36 8.83 1.86 19.68
C LEU A 36 9.52 1.78 21.04
N LEU A 37 8.87 2.32 22.07
CA LEU A 37 9.42 2.35 23.41
C LEU A 37 8.67 1.34 24.28
N LEU A 38 9.42 0.42 24.89
CA LEU A 38 8.85 -0.64 25.71
C LEU A 38 9.65 -0.75 27.01
N GLY A 39 9.00 -1.27 28.04
CA GLY A 39 9.64 -1.41 29.33
C GLY A 39 8.65 -1.45 30.49
N ALA A 40 9.11 -1.90 31.65
CA ALA A 40 8.27 -1.98 32.83
C ALA A 40 8.13 -0.60 33.45
N ASP A 41 7.30 -0.52 34.51
CA ASP A 41 7.13 0.74 35.22
C ASP A 41 8.44 1.22 35.82
N ASN A 42 9.21 0.30 36.43
CA ASN A 42 10.49 0.64 37.00
C ASN A 42 11.58 0.84 35.95
N SER A 43 11.29 0.52 34.68
CA SER A 43 12.31 0.64 33.64
C SER A 43 12.71 2.09 33.39
N GLY A 44 11.95 3.05 33.90
CA GLY A 44 12.29 4.45 33.70
C GLY A 44 12.13 4.93 32.28
N LYS A 45 11.05 4.52 31.59
CA LYS A 45 10.82 5.00 30.24
C LYS A 45 10.61 6.51 30.22
N SER A 46 9.99 7.05 31.25
CA SER A 46 9.70 8.49 31.30
C SER A 46 10.99 9.30 31.27
N THR A 47 12.04 8.82 31.95
CA THR A 47 13.29 9.56 31.97
C THR A 47 13.84 9.73 30.56
N ILE A 48 13.81 8.67 29.76
CA ILE A 48 14.25 8.78 28.37
C ILE A 48 13.30 9.67 27.58
N VAL A 49 12.00 9.53 27.83
CA VAL A 49 11.01 10.34 27.13
C VAL A 49 11.24 11.82 27.45
N LYS A 50 11.63 12.12 28.68
CA LYS A 50 11.98 13.49 29.06
C LYS A 50 13.24 13.92 28.31
N GLN A 51 13.71 15.15 28.58
CA GLN A 51 14.84 15.71 27.86
C GLN A 51 14.54 15.82 26.37
N MET A 52 13.29 16.12 26.04
CA MET A 52 12.87 16.28 24.66
C MET A 52 13.33 17.62 24.10
N ARG A 53 14.65 17.77 24.02
CA ARG A 53 15.23 19.01 23.52
C ARG A 53 15.04 19.16 22.01
N ILE A 54 15.06 18.05 21.26
CA ILE A 54 14.87 18.11 19.82
C ILE A 54 15.99 18.91 19.18
N ARG A 177 -2.32 14.13 25.87
CA ARG A 177 -3.24 15.14 25.39
C ARG A 177 -4.68 14.78 25.76
N VAL A 178 -4.92 13.49 25.99
CA VAL A 178 -6.23 12.98 26.38
C VAL A 178 -6.03 12.03 27.56
N LYS A 179 -6.97 12.06 28.50
CA LYS A 179 -6.83 11.24 29.71
C LYS A 179 -6.73 9.77 29.36
N THR A 180 -7.56 9.28 28.44
CA THR A 180 -7.59 7.88 28.06
C THR A 180 -6.79 7.59 26.81
N SER A 181 -5.74 8.36 26.54
CA SER A 181 -4.94 8.15 25.34
C SER A 181 -4.33 6.76 25.34
N GLY A 182 -4.44 6.07 24.20
CA GLY A 182 -3.94 4.72 24.07
C GLY A 182 -2.50 4.64 23.59
N ILE A 183 -1.98 5.74 23.06
CA ILE A 183 -0.60 5.77 22.57
C ILE A 183 -0.11 7.20 22.63
N PHE A 184 1.18 7.36 22.91
CA PHE A 184 1.84 8.65 22.96
C PHE A 184 2.91 8.73 21.88
N GLU A 185 3.08 9.92 21.31
CA GLU A 185 4.09 10.16 20.27
C GLU A 185 5.10 11.17 20.79
N THR A 186 6.38 10.85 20.62
CA THR A 186 7.47 11.72 21.03
C THR A 186 8.29 12.07 19.80
N LYS A 187 8.55 13.37 19.61
CA LYS A 187 9.28 13.87 18.46
C LYS A 187 10.59 14.49 18.90
N PHE A 188 11.70 14.01 18.33
CA PHE A 188 13.01 14.61 18.56
C PHE A 188 13.85 14.44 17.30
N GLN A 189 14.79 15.37 17.13
CA GLN A 189 15.60 15.45 15.91
C GLN A 189 17.08 15.55 16.28
N VAL A 190 17.91 14.84 15.53
CA VAL A 190 19.36 14.92 15.64
C VAL A 190 19.93 15.12 14.25
N ASP A 191 20.72 16.18 14.08
CA ASP A 191 21.41 16.45 12.81
C ASP A 191 20.43 16.46 11.64
N LYS A 192 19.28 17.11 11.84
CA LYS A 192 18.24 17.24 10.82
C LYS A 192 17.60 15.89 10.48
N VAL A 193 17.76 14.90 11.36
CA VAL A 193 17.17 13.58 11.18
C VAL A 193 16.01 13.45 12.16
N ASN A 194 14.81 13.21 11.64
CA ASN A 194 13.60 13.16 12.45
C ASN A 194 13.36 11.76 12.98
N PHE A 195 13.18 11.64 14.30
CA PHE A 195 12.86 10.38 14.94
C PHE A 195 11.51 10.52 15.64
N HIS A 196 10.64 9.54 15.43
CA HIS A 196 9.35 9.45 16.11
C HIS A 196 9.39 8.26 17.05
N MET A 197 9.37 8.54 18.35
CA MET A 197 9.37 7.50 19.38
C MET A 197 7.97 7.37 19.94
N PHE A 198 7.47 6.14 19.95
CA PHE A 198 6.08 5.85 20.31
C PHE A 198 6.04 5.07 21.62
N ASP A 199 5.20 5.51 22.54
CA ASP A 199 4.98 4.85 23.82
C ASP A 199 3.50 4.53 23.95
N VAL A 200 3.19 3.30 24.33
CA VAL A 200 1.80 2.89 24.47
C VAL A 200 1.24 3.41 25.79
N GLY A 201 0.05 4.02 25.72
CA GLY A 201 -0.57 4.59 26.91
C GLY A 201 -1.56 3.66 27.58
N ALA A 202 -2.83 4.00 27.54
CA ALA A 202 -3.87 3.24 28.23
C ALA A 202 -4.20 1.98 27.44
N GLN A 203 -3.80 0.83 27.96
CA GLN A 203 -4.10 -0.46 27.36
C GLN A 203 -4.19 -1.51 28.47
N ARG A 204 -4.69 -2.69 28.10
CA ARG A 204 -4.90 -3.76 29.06
C ARG A 204 -3.62 -4.55 29.35
N ASP A 205 -2.46 -4.03 28.96
CA ASP A 205 -1.16 -4.62 29.27
C ASP A 205 -0.91 -5.92 28.51
N GLU A 206 -1.71 -6.20 27.48
CA GLU A 206 -1.51 -7.34 26.60
C GLU A 206 -1.03 -6.84 25.24
N ARG A 207 0.08 -7.40 24.77
CA ARG A 207 0.77 -6.85 23.60
C ARG A 207 0.71 -7.75 22.37
N ARG A 208 0.40 -9.04 22.53
CA ARG A 208 0.50 -9.95 21.40
C ARG A 208 -0.43 -9.59 20.25
N LYS A 209 -1.43 -8.75 20.49
CA LYS A 209 -2.37 -8.36 19.44
C LYS A 209 -1.95 -7.07 18.73
N TRP A 210 -1.83 -5.97 19.48
CA TRP A 210 -1.50 -4.70 18.86
C TRP A 210 -0.02 -4.58 18.49
N ILE A 211 0.84 -5.47 19.00
CA ILE A 211 2.24 -5.44 18.58
C ILE A 211 2.36 -5.68 17.09
N GLN A 212 1.37 -6.33 16.47
CA GLN A 212 1.37 -6.52 15.02
C GLN A 212 1.40 -5.20 14.28
N CYS A 213 0.96 -4.11 14.93
CA CYS A 213 0.99 -2.80 14.30
C CYS A 213 2.41 -2.29 14.08
N PHE A 214 3.37 -2.79 14.85
CA PHE A 214 4.75 -2.29 14.81
C PHE A 214 5.68 -3.26 14.09
N ASN A 215 5.20 -3.90 13.03
CA ASN A 215 6.02 -4.86 12.30
C ASN A 215 6.94 -4.21 11.27
N ASP A 216 6.76 -2.92 10.98
CA ASP A 216 7.61 -2.21 10.03
C ASP A 216 8.37 -1.06 10.68
N VAL A 217 8.42 -1.01 12.02
CA VAL A 217 9.13 0.09 12.68
C VAL A 217 10.64 -0.05 12.45
N THR A 218 11.33 1.09 12.52
CA THR A 218 12.77 1.09 12.31
C THR A 218 13.48 0.29 13.40
N ALA A 219 13.05 0.42 14.65
CA ALA A 219 13.69 -0.28 15.75
C ALA A 219 12.77 -0.26 16.97
N ILE A 220 13.10 -1.13 17.93
CA ILE A 220 12.40 -1.21 19.20
C ILE A 220 13.40 -0.91 20.31
N ILE A 221 13.03 0.00 21.22
CA ILE A 221 13.88 0.39 22.33
C ILE A 221 13.32 -0.25 23.60
N PHE A 222 14.11 -1.00 24.34
CA PHE A 222 13.67 -1.73 25.53
C PHE A 222 14.49 -1.21 26.64
N VAL A 223 13.88 -0.58 27.64
CA VAL A 223 14.59 -0.01 28.77
C VAL A 223 14.43 -0.97 29.93
N VAL A 224 15.44 -1.12 30.82
CA VAL A 224 15.43 -2.07 31.93
C VAL A 224 16.14 -1.42 33.06
N ASP A 225 15.75 -1.70 34.32
CA ASP A 225 16.47 -1.22 35.48
C ASP A 225 17.43 -2.26 35.95
N SER A 226 18.72 -2.02 35.77
CA SER A 226 19.70 -2.97 36.16
C SER A 226 19.71 -3.16 37.67
N SER A 227 19.30 -2.15 38.42
CA SER A 227 19.27 -2.20 39.85
C SER A 227 18.34 -3.17 40.55
N ASP A 228 17.18 -3.44 39.99
CA ASP A 228 16.21 -4.31 40.62
C ASP A 228 16.49 -5.74 40.35
N TYR A 229 17.22 -6.41 41.23
CA TYR A 229 17.62 -7.75 40.94
C TYR A 229 16.43 -8.69 40.92
N ASN A 230 15.42 -8.38 41.70
CA ASN A 230 14.22 -9.21 41.73
C ASN A 230 13.47 -9.15 40.40
N ARG A 231 13.37 -7.96 39.82
CA ARG A 231 12.63 -7.75 38.58
C ARG A 231 13.48 -7.96 37.33
N LEU A 232 14.76 -8.31 37.49
CA LEU A 232 15.59 -8.59 36.32
C LEU A 232 15.05 -9.78 35.54
N GLN A 233 14.64 -10.84 36.24
CA GLN A 233 14.11 -12.00 35.56
C GLN A 233 12.84 -11.66 34.79
N GLU A 234 11.99 -10.81 35.37
CA GLU A 234 10.81 -10.35 34.64
C GLU A 234 11.20 -9.59 33.39
N ALA A 235 12.20 -8.71 33.49
CA ALA A 235 12.67 -7.99 32.31
C ALA A 235 13.28 -8.93 31.29
N LEU A 236 14.05 -9.93 31.74
CA LEU A 236 14.61 -10.91 30.83
C LEU A 236 13.52 -11.67 30.08
N ASN A 237 12.47 -12.10 30.80
CA ASN A 237 11.38 -12.80 30.15
C ASN A 237 10.66 -11.90 29.17
N ASP A 238 10.45 -10.64 29.53
CA ASP A 238 9.82 -9.69 28.61
C ASP A 238 10.65 -9.52 27.34
N PHE A 239 11.97 -9.42 27.50
CA PHE A 239 12.84 -9.30 26.33
C PHE A 239 12.79 -10.56 25.47
N LYS A 240 12.79 -11.74 26.10
CA LYS A 240 12.76 -12.98 25.35
C LYS A 240 11.46 -13.13 24.57
N SER A 241 10.33 -12.79 25.20
CA SER A 241 9.05 -12.88 24.50
C SER A 241 9.01 -11.93 23.31
N ILE A 242 9.49 -10.71 23.50
CA ILE A 242 9.57 -9.75 22.39
C ILE A 242 10.52 -10.25 21.32
N TRP A 243 11.69 -10.75 21.72
CA TRP A 243 12.68 -11.18 20.75
C TRP A 243 12.20 -12.34 19.91
N ASN A 244 11.48 -13.28 20.51
CA ASN A 244 11.01 -14.47 19.82
C ASN A 244 9.68 -14.27 19.11
N ASN A 245 9.09 -13.09 19.19
CA ASN A 245 7.82 -12.83 18.52
C ASN A 245 7.98 -13.02 17.02
N ARG A 246 7.04 -13.74 16.41
CA ARG A 246 7.12 -14.02 14.98
C ARG A 246 6.91 -12.77 14.13
N TRP A 247 6.27 -11.74 14.69
CA TRP A 247 6.01 -10.51 13.95
C TRP A 247 7.13 -9.48 14.10
N LEU A 248 8.13 -9.74 14.94
CA LEU A 248 9.23 -8.82 15.18
C LEU A 248 10.56 -9.41 14.76
N ARG A 249 10.54 -10.38 13.85
CA ARG A 249 11.77 -11.05 13.43
C ARG A 249 12.71 -10.08 12.73
N THR A 250 12.17 -9.20 11.89
CA THR A 250 12.98 -8.30 11.07
C THR A 250 13.27 -6.97 11.74
N ILE A 251 12.85 -6.79 13.00
CA ILE A 251 13.05 -5.55 13.73
C ILE A 251 14.09 -5.80 14.82
N SER A 252 15.18 -5.04 14.78
CA SER A 252 16.20 -5.14 15.82
C SER A 252 15.73 -4.46 17.10
N VAL A 253 16.38 -4.82 18.20
CA VAL A 253 16.04 -4.31 19.53
C VAL A 253 17.24 -3.55 20.08
N ILE A 254 16.99 -2.33 20.54
CA ILE A 254 18.01 -1.50 21.17
C ILE A 254 17.76 -1.55 22.67
N LEU A 255 18.75 -2.02 23.42
CA LEU A 255 18.62 -2.26 24.85
C LEU A 255 19.35 -1.16 25.61
N PHE A 256 18.64 -0.47 26.50
CA PHE A 256 19.21 0.55 27.37
C PHE A 256 19.12 0.06 28.81
N LEU A 257 20.27 -0.20 29.42
CA LEU A 257 20.33 -0.60 30.82
C LEU A 257 20.34 0.67 31.66
N ASN A 258 19.14 1.20 31.89
CA ASN A 258 18.99 2.51 32.52
C ASN A 258 19.26 2.43 34.01
N LYS A 259 19.55 3.60 34.59
CA LYS A 259 19.78 3.74 36.03
C LYS A 259 20.95 2.89 36.50
N GLN A 260 22.11 3.09 35.87
CA GLN A 260 23.32 2.43 36.33
C GLN A 260 23.88 3.06 37.61
N ASP A 261 23.45 4.28 37.95
CA ASP A 261 23.89 4.90 39.20
C ASP A 261 23.39 4.09 40.39
N LEU A 262 22.12 3.67 40.37
CA LEU A 262 21.60 2.85 41.45
C LEU A 262 22.30 1.50 41.51
N LEU A 263 22.63 0.94 40.35
CA LEU A 263 23.36 -0.33 40.32
C LEU A 263 24.74 -0.16 40.95
N ALA A 264 25.44 0.93 40.62
CA ALA A 264 26.77 1.15 41.19
C ALA A 264 26.68 1.35 42.70
N GLU A 265 25.76 2.20 43.15
CA GLU A 265 25.64 2.43 44.59
C GLU A 265 25.26 1.14 45.33
N LYS A 266 24.41 0.32 44.76
CA LYS A 266 23.95 -0.91 45.42
C LYS A 266 25.01 -1.97 45.53
N VAL A 267 25.82 -2.11 44.50
CA VAL A 267 26.85 -3.11 44.49
C VAL A 267 27.88 -2.62 45.45
N LEU A 268 28.28 -1.37 45.29
CA LEU A 268 29.29 -0.78 46.16
C LEU A 268 28.82 -0.88 47.60
N ALA A 269 27.51 -0.82 47.84
CA ALA A 269 27.01 -0.86 49.21
C ALA A 269 27.27 -2.22 49.85
N GLY A 270 27.03 -3.31 49.12
CA GLY A 270 27.22 -4.64 49.65
C GLY A 270 26.08 -5.17 50.48
N LYS A 271 25.01 -4.39 50.67
CA LYS A 271 23.86 -4.88 51.43
C LYS A 271 23.13 -6.00 50.70
N SER A 272 23.18 -6.02 49.37
CA SER A 272 22.51 -7.03 48.57
C SER A 272 23.49 -7.62 47.55
N LYS A 273 23.32 -8.90 47.26
CA LYS A 273 24.19 -9.61 46.33
C LYS A 273 23.38 -10.20 45.18
N ILE A 274 23.89 -10.03 43.96
CA ILE A 274 23.24 -10.61 42.79
C ILE A 274 23.28 -12.12 42.83
N GLU A 275 24.18 -12.70 43.61
CA GLU A 275 24.29 -14.15 43.69
C GLU A 275 23.01 -14.78 44.21
N ASP A 276 22.27 -14.09 45.07
CA ASP A 276 21.04 -14.63 45.62
C ASP A 276 19.98 -14.87 44.56
N TYR A 277 19.96 -14.08 43.50
CA TYR A 277 19.00 -14.22 42.41
C TYR A 277 19.59 -14.89 41.17
N PHE A 278 20.88 -14.74 40.94
CA PHE A 278 21.56 -15.31 39.77
C PHE A 278 22.76 -16.11 40.27
N PRO A 279 22.57 -17.41 40.56
CA PRO A 279 23.70 -18.20 41.09
C PRO A 279 24.88 -18.26 40.16
N GLU A 280 24.67 -18.17 38.84
CA GLU A 280 25.79 -18.13 37.90
C GLU A 280 26.68 -16.91 38.11
N PHE A 281 26.17 -15.87 38.77
CA PHE A 281 26.99 -14.69 39.03
C PHE A 281 28.15 -14.99 39.98
N ALA A 282 28.05 -16.06 40.77
CA ALA A 282 29.14 -16.41 41.67
C ALA A 282 30.38 -16.91 40.93
N ARG A 283 30.22 -17.32 39.67
CA ARG A 283 31.31 -17.86 38.86
C ARG A 283 31.36 -17.17 37.51
N TYR A 284 31.23 -15.84 37.51
CA TYR A 284 31.28 -15.03 36.30
C TYR A 284 32.32 -13.93 36.48
N THR A 285 33.00 -13.58 35.38
CA THR A 285 34.04 -12.57 35.39
C THR A 285 33.83 -11.61 34.24
N THR A 286 34.37 -10.39 34.40
CA THR A 286 34.25 -9.38 33.35
C THR A 286 35.14 -9.77 32.17
N PRO A 287 34.59 -9.84 30.95
CA PRO A 287 35.42 -10.24 29.81
C PRO A 287 36.44 -9.17 29.45
N GLU A 288 37.49 -9.60 28.75
CA GLU A 288 38.55 -8.69 28.35
C GLU A 288 38.05 -7.56 27.46
N ASP A 289 36.93 -7.75 26.76
CA ASP A 289 36.38 -6.72 25.90
C ASP A 289 35.79 -5.55 26.68
N ALA A 290 35.65 -5.67 28.00
CA ALA A 290 35.02 -4.64 28.79
C ALA A 290 35.79 -3.32 28.70
N THR A 291 35.05 -2.21 28.75
CA THR A 291 35.61 -0.86 28.72
C THR A 291 34.98 -0.05 29.84
N PRO A 292 35.29 -0.40 31.10
CA PRO A 292 34.67 0.32 32.22
C PRO A 292 35.13 1.76 32.32
N GLU A 293 34.26 2.59 32.87
CA GLU A 293 34.56 4.00 33.04
C GLU A 293 35.65 4.17 34.11
N PRO A 294 36.48 5.21 34.00
CA PRO A 294 37.54 5.41 34.99
C PRO A 294 36.96 5.61 36.39
N GLY A 295 37.64 5.03 37.38
CA GLY A 295 37.22 5.15 38.76
C GLY A 295 36.14 4.19 39.19
N GLU A 296 35.63 3.35 38.28
CA GLU A 296 34.60 2.40 38.66
C GLU A 296 35.21 1.23 39.43
N ASP A 297 34.49 0.79 40.46
CA ASP A 297 34.94 -0.36 41.23
C ASP A 297 34.77 -1.64 40.41
N PRO A 298 35.68 -2.61 40.56
CA PRO A 298 35.55 -3.84 39.77
C PRO A 298 34.22 -4.56 39.97
N ARG A 299 33.63 -4.47 41.17
CA ARG A 299 32.34 -5.10 41.40
C ARG A 299 31.27 -4.52 40.47
N VAL A 300 31.27 -3.19 40.31
CA VAL A 300 30.28 -2.54 39.45
C VAL A 300 30.45 -3.03 38.02
N THR A 301 31.70 -3.08 37.54
CA THR A 301 31.95 -3.54 36.18
C THR A 301 31.49 -4.99 36.00
N ARG A 302 31.80 -5.84 36.97
CA ARG A 302 31.39 -7.24 36.89
C ARG A 302 29.87 -7.35 36.79
N ALA A 303 29.14 -6.63 37.65
CA ALA A 303 27.69 -6.70 37.62
C ALA A 303 27.13 -6.16 36.31
N LYS A 304 27.66 -5.02 35.85
CA LYS A 304 27.16 -4.41 34.62
C LYS A 304 27.34 -5.35 33.43
N TYR A 305 28.55 -5.90 33.27
CA TYR A 305 28.77 -6.78 32.13
C TYR A 305 28.09 -8.13 32.32
N PHE A 306 27.83 -8.53 33.56
CA PHE A 306 27.02 -9.73 33.80
C PHE A 306 25.60 -9.52 33.27
N ILE A 307 25.01 -8.37 33.58
CA ILE A 307 23.67 -8.07 33.07
C ILE A 307 23.69 -8.00 31.54
N ARG A 308 24.57 -7.22 30.97
CA ARG A 308 24.53 -7.07 29.56
C ARG A 308 24.63 -8.40 28.94
N ASP A 309 25.47 -9.27 29.44
CA ASP A 309 25.73 -10.56 28.80
C ASP A 309 24.60 -11.49 29.01
N GLU A 310 23.96 -11.46 30.13
CA GLU A 310 22.71 -12.17 30.35
C GLU A 310 21.69 -11.78 29.29
N PHE A 311 21.62 -10.50 28.94
CA PHE A 311 20.71 -10.08 27.89
C PHE A 311 21.20 -10.55 26.51
N LEU A 312 22.52 -10.52 26.29
CA LEU A 312 23.05 -10.93 24.99
C LEU A 312 22.79 -12.40 24.71
N ARG A 313 22.87 -13.26 25.74
CA ARG A 313 22.62 -14.68 25.52
C ARG A 313 21.24 -14.90 24.91
N ILE A 314 20.24 -14.16 25.38
CA ILE A 314 18.94 -14.17 24.71
C ILE A 314 19.05 -13.53 23.33
N SER A 315 19.81 -12.45 23.22
CA SER A 315 19.98 -11.79 21.92
C SER A 315 20.61 -12.73 20.90
N THR A 316 21.65 -13.46 21.31
CA THR A 316 22.38 -14.34 20.40
C THR A 316 21.76 -15.73 20.28
N ALA A 317 20.75 -16.05 21.09
CA ALA A 317 20.16 -17.39 21.05
C ALA A 317 19.51 -17.67 19.71
N SER A 318 18.77 -16.69 19.16
CA SER A 318 18.04 -16.92 17.91
C SER A 318 18.09 -15.70 16.98
N GLY A 319 19.14 -14.89 17.05
CA GLY A 319 19.24 -13.76 16.13
C GLY A 319 19.29 -14.19 14.69
N ASP A 320 20.13 -15.18 14.39
CA ASP A 320 20.25 -15.75 13.04
C ASP A 320 20.71 -14.71 12.02
N GLY A 321 21.16 -13.54 12.47
CA GLY A 321 21.64 -12.50 11.59
C GLY A 321 20.57 -11.62 10.99
N ARG A 322 19.30 -11.98 11.11
CA ARG A 322 18.24 -11.11 10.57
C ARG A 322 18.10 -9.84 11.39
N HIS A 323 18.20 -9.94 12.71
CA HIS A 323 18.13 -8.77 13.58
C HIS A 323 19.18 -8.92 14.68
N TYR A 324 19.63 -7.77 15.19
CA TYR A 324 20.74 -7.71 16.13
C TYR A 324 20.33 -6.91 17.36
N CYS A 325 21.15 -7.02 18.40
CA CYS A 325 20.94 -6.31 19.65
C CYS A 325 21.99 -5.22 19.81
N TYR A 326 21.59 -4.08 20.36
CA TYR A 326 22.47 -2.93 20.56
C TYR A 326 22.40 -2.54 22.04
N PRO A 327 23.15 -3.21 22.90
CA PRO A 327 23.12 -2.85 24.32
C PRO A 327 23.83 -1.53 24.59
N HIS A 328 23.28 -0.76 25.52
CA HIS A 328 23.89 0.48 25.96
C HIS A 328 23.61 0.64 27.45
N PHE A 329 24.46 1.42 28.10
CA PHE A 329 24.32 1.73 29.53
C PHE A 329 23.90 3.19 29.65
N THR A 330 22.78 3.41 30.34
CA THR A 330 22.18 4.74 30.43
C THR A 330 21.89 5.07 31.89
N CYS A 331 21.86 6.36 32.19
CA CYS A 331 21.50 6.88 33.49
C CYS A 331 20.24 7.72 33.38
N SER A 332 19.61 7.98 34.52
CA SER A 332 18.41 8.80 34.53
C SER A 332 18.67 10.20 33.99
N VAL A 333 19.92 10.65 34.01
CA VAL A 333 20.31 11.97 33.48
C VAL A 333 21.46 11.72 32.50
N ASP A 334 21.13 11.61 31.21
CA ASP A 334 22.15 11.40 30.19
C ASP A 334 21.64 11.95 28.87
N THR A 335 22.40 12.85 28.27
CA THR A 335 22.03 13.48 27.00
C THR A 335 22.61 12.76 25.79
N GLU A 336 23.39 11.70 26.00
CA GLU A 336 23.96 10.94 24.89
C GLU A 336 23.01 9.90 24.32
N ASN A 337 21.82 9.74 24.92
CA ASN A 337 20.88 8.74 24.43
C ASN A 337 20.44 9.06 23.01
N ALA A 338 20.26 10.34 22.69
CA ALA A 338 19.84 10.72 21.34
C ALA A 338 20.88 10.28 20.31
N ARG A 339 22.16 10.53 20.59
CA ARG A 339 23.20 10.14 19.66
C ARG A 339 23.38 8.63 19.59
N ARG A 340 23.23 7.94 20.72
CA ARG A 340 23.28 6.48 20.72
C ARG A 340 22.18 5.91 19.82
N ILE A 341 20.96 6.45 19.96
CA ILE A 341 19.85 6.00 19.13
C ILE A 341 20.09 6.34 17.67
N PHE A 342 20.68 7.51 17.40
CA PHE A 342 21.00 7.87 16.03
C PHE A 342 21.96 6.85 15.42
N ASN A 343 23.02 6.52 16.15
CA ASN A 343 23.98 5.54 15.64
C ASN A 343 23.33 4.18 15.42
N ASP A 344 22.53 3.73 16.39
CA ASP A 344 21.88 2.43 16.27
C ASP A 344 20.93 2.39 15.07
N VAL A 345 20.15 3.45 14.89
CA VAL A 345 19.20 3.48 13.77
C VAL A 345 19.94 3.53 12.45
N THR A 346 21.02 4.31 12.38
CA THR A 346 21.80 4.37 11.14
C THR A 346 22.36 3.00 10.80
N ASP A 347 22.92 2.30 11.81
CA ASP A 347 23.44 0.96 11.56
C ASP A 347 22.35 0.01 11.12
N ILE A 348 21.18 0.08 11.76
CA ILE A 348 20.07 -0.81 11.40
C ILE A 348 19.62 -0.56 9.96
N ILE A 349 19.48 0.71 9.59
CA ILE A 349 19.02 1.04 8.25
C ILE A 349 20.06 0.64 7.22
N ILE A 350 21.34 0.82 7.53
CA ILE A 350 22.39 0.42 6.60
C ILE A 350 22.39 -1.10 6.42
N LYS A 351 22.22 -1.84 7.51
CA LYS A 351 22.15 -3.29 7.40
C LYS A 351 20.95 -3.73 6.57
N MET A 352 19.81 -3.06 6.77
CA MET A 352 18.62 -3.37 5.96
C MET A 352 18.87 -3.10 4.48
N ASN A 353 19.52 -1.98 4.18
CA ASN A 353 19.83 -1.66 2.78
C ASN A 353 20.79 -2.68 2.20
N LEU A 354 21.78 -3.12 2.98
CA LEU A 354 22.70 -4.13 2.50
C LEU A 354 21.98 -5.45 2.22
N ARG A 355 21.04 -5.83 3.10
CA ARG A 355 20.26 -7.03 2.84
C ARG A 355 19.45 -6.88 1.56
N ASP A 356 18.82 -5.72 1.38
CA ASP A 356 18.02 -5.51 0.17
C ASP A 356 18.89 -5.60 -1.08
N CYS A 357 20.08 -5.01 -1.03
CA CYS A 357 21.00 -5.05 -2.16
C CYS A 357 21.55 -6.44 -2.43
N GLY A 358 21.43 -7.37 -1.49
CA GLY A 358 21.93 -8.71 -1.66
C GLY A 358 23.37 -8.90 -1.29
N LEU A 359 24.04 -7.86 -0.78
CA LEU A 359 25.42 -7.98 -0.31
C LEU A 359 25.51 -8.56 1.10
N PHE A 360 24.39 -8.72 1.78
CA PHE A 360 24.37 -9.28 3.13
C PHE A 360 23.62 -10.61 3.13
N GLN B 11 -18.45 -21.08 46.40
CA GLN B 11 -19.89 -21.44 46.63
C GLN B 11 -20.70 -21.19 45.36
N LEU B 12 -20.69 -19.96 44.83
CA LEU B 12 -21.35 -19.63 43.57
C LEU B 12 -20.79 -20.42 42.40
N ARG B 13 -19.49 -20.71 42.39
CA ARG B 13 -18.92 -21.44 41.26
C ARG B 13 -19.57 -22.81 41.09
N GLN B 14 -20.12 -23.38 42.16
CA GLN B 14 -20.80 -24.66 42.04
C GLN B 14 -22.01 -24.55 41.09
N GLU B 15 -22.79 -23.49 41.23
CA GLU B 15 -23.92 -23.29 40.33
C GLU B 15 -23.47 -23.00 38.91
N ALA B 16 -22.34 -22.31 38.75
CA ALA B 16 -21.86 -22.01 37.40
C ALA B 16 -21.57 -23.28 36.61
N GLU B 17 -20.93 -24.26 37.26
CA GLU B 17 -20.67 -25.53 36.58
C GLU B 17 -21.97 -26.22 36.19
N GLN B 18 -22.98 -26.16 37.06
CA GLN B 18 -24.27 -26.76 36.74
C GLN B 18 -24.88 -26.11 35.51
N LEU B 19 -24.84 -24.78 35.43
CA LEU B 19 -25.37 -24.11 34.25
C LEU B 19 -24.54 -24.43 33.01
N LYS B 20 -23.22 -24.45 33.14
CA LYS B 20 -22.37 -24.77 31.98
C LYS B 20 -22.65 -26.18 31.48
N ASN B 21 -22.81 -27.14 32.40
CA ASN B 21 -23.22 -28.47 31.99
C ASN B 21 -24.60 -28.45 31.35
N GLN B 22 -25.51 -27.63 31.89
CA GLN B 22 -26.84 -27.52 31.30
C GLN B 22 -26.77 -26.99 29.88
N ILE B 23 -25.92 -25.99 29.64
CA ILE B 23 -25.81 -25.41 28.30
C ILE B 23 -25.35 -26.47 27.31
N ARG B 24 -24.33 -27.24 27.66
CA ARG B 24 -23.84 -28.28 26.76
C ARG B 24 -24.91 -29.34 26.50
N ASP B 25 -25.63 -29.75 27.54
CA ASP B 25 -26.64 -30.79 27.37
C ASP B 25 -27.72 -30.36 26.40
N ALA B 26 -28.22 -29.12 26.54
CA ALA B 26 -29.24 -28.62 25.63
C ALA B 26 -28.69 -28.47 24.22
N ARG B 27 -27.49 -27.88 24.09
CA ARG B 27 -26.88 -27.76 22.77
C ARG B 27 -26.62 -29.12 22.16
N LYS B 28 -26.10 -30.07 22.95
CA LYS B 28 -25.82 -31.40 22.43
C LYS B 28 -27.12 -32.10 22.01
N ALA B 29 -28.20 -31.89 22.75
CA ALA B 29 -29.45 -32.56 22.45
C ALA B 29 -29.96 -32.19 21.06
N CYS B 30 -29.61 -31.00 20.57
CA CYS B 30 -30.08 -30.53 19.27
C CYS B 30 -29.19 -30.98 18.12
N ALA B 31 -28.13 -31.72 18.38
CA ALA B 31 -27.19 -32.16 17.34
C ALA B 31 -27.81 -33.31 16.56
N ASP B 32 -28.94 -33.00 15.91
CA ASP B 32 -29.66 -34.02 15.15
C ASP B 32 -28.82 -34.53 13.98
N ALA B 33 -28.14 -33.64 13.28
CA ALA B 33 -27.31 -34.02 12.15
C ALA B 33 -26.40 -32.86 11.79
N THR B 34 -25.16 -33.17 11.44
CA THR B 34 -24.21 -32.14 11.06
C THR B 34 -24.59 -31.53 9.71
N LEU B 35 -24.09 -30.33 9.47
CA LEU B 35 -24.38 -29.65 8.21
C LEU B 35 -23.87 -30.47 7.02
N SER B 36 -22.79 -31.24 7.22
CA SER B 36 -22.24 -32.04 6.13
C SER B 36 -23.22 -33.12 5.70
N GLN B 37 -23.81 -33.85 6.66
CA GLN B 37 -24.68 -34.96 6.30
C GLN B 37 -25.92 -34.48 5.56
N ILE B 38 -26.54 -33.40 6.05
CA ILE B 38 -27.80 -32.95 5.47
C ILE B 38 -27.58 -32.40 4.06
N THR B 39 -26.46 -31.71 3.84
CA THR B 39 -26.19 -31.03 2.59
C THR B 39 -25.23 -31.81 1.68
N ASN B 40 -24.93 -33.06 2.03
CA ASN B 40 -23.98 -33.85 1.24
C ASN B 40 -24.47 -34.03 -0.19
N ASN B 41 -25.79 -34.05 -0.40
CA ASN B 41 -26.35 -34.40 -1.70
C ASN B 41 -26.39 -33.22 -2.67
N ILE B 42 -26.13 -32.00 -2.20
CA ILE B 42 -26.19 -30.84 -3.09
C ILE B 42 -25.04 -30.91 -4.09
N ASP B 43 -25.25 -30.32 -5.25
CA ASP B 43 -24.23 -30.33 -6.29
C ASP B 43 -23.01 -29.53 -5.83
N PRO B 44 -21.80 -29.98 -6.16
CA PRO B 44 -20.61 -29.24 -5.73
C PRO B 44 -20.56 -27.86 -6.35
N VAL B 45 -20.04 -26.90 -5.57
CA VAL B 45 -19.91 -25.54 -6.06
C VAL B 45 -18.93 -25.46 -7.22
N GLY B 46 -18.01 -26.41 -7.34
CA GLY B 46 -17.04 -26.39 -8.42
C GLY B 46 -15.91 -25.41 -8.16
N ARG B 47 -15.06 -25.27 -9.16
CA ARG B 47 -13.91 -24.39 -9.08
C ARG B 47 -14.33 -22.97 -9.47
N ILE B 48 -14.12 -22.02 -8.55
CA ILE B 48 -14.46 -20.62 -8.79
C ILE B 48 -13.17 -19.87 -9.06
N GLN B 49 -13.04 -19.31 -10.27
CA GLN B 49 -11.86 -18.59 -10.69
C GLN B 49 -12.15 -17.11 -10.76
N MET B 50 -11.31 -16.31 -10.12
CA MET B 50 -11.46 -14.86 -10.07
C MET B 50 -10.16 -14.22 -10.54
N ARG B 51 -10.29 -13.02 -11.11
CA ARG B 51 -9.15 -12.28 -11.64
C ARG B 51 -9.17 -10.85 -11.10
N THR B 52 -7.97 -10.27 -10.98
CA THR B 52 -7.83 -8.91 -10.48
C THR B 52 -8.34 -7.94 -11.53
N ARG B 53 -9.59 -7.48 -11.36
CA ARG B 53 -10.17 -6.55 -12.32
C ARG B 53 -9.57 -5.15 -12.18
N ARG B 54 -9.37 -4.70 -10.94
CA ARG B 54 -8.80 -3.39 -10.68
C ARG B 54 -7.70 -3.52 -9.64
N THR B 55 -6.58 -2.86 -9.88
CA THR B 55 -5.43 -2.88 -9.00
C THR B 55 -5.25 -1.48 -8.42
N LEU B 56 -5.55 -1.32 -7.13
CA LEU B 56 -5.46 -0.04 -6.45
C LEU B 56 -4.13 0.04 -5.72
N ARG B 57 -3.36 1.09 -6.01
CA ARG B 57 -2.08 1.33 -5.36
C ARG B 57 -1.94 2.81 -5.05
N GLY B 58 -1.07 3.12 -4.11
CA GLY B 58 -0.84 4.49 -3.70
C GLY B 58 -0.61 4.65 -2.21
N HIS B 59 -1.14 3.73 -1.40
CA HIS B 59 -0.92 3.81 0.03
C HIS B 59 0.56 3.68 0.34
N LEU B 60 0.99 4.38 1.40
CA LEU B 60 2.40 4.40 1.77
C LEU B 60 2.78 3.24 2.69
N ALA B 61 1.87 2.80 3.55
CA ALA B 61 2.14 1.73 4.50
C ALA B 61 1.17 0.56 4.26
N LYS B 62 1.20 -0.41 5.17
CA LYS B 62 0.38 -1.60 5.04
C LYS B 62 -1.10 -1.26 5.14
N ILE B 63 -1.92 -1.98 4.37
CA ILE B 63 -3.37 -1.86 4.46
C ILE B 63 -3.83 -2.67 5.68
N TYR B 64 -4.64 -2.03 6.53
CA TYR B 64 -5.10 -2.67 7.75
C TYR B 64 -6.59 -3.00 7.74
N ALA B 65 -7.43 -2.11 7.20
CA ALA B 65 -8.86 -2.37 7.14
C ALA B 65 -9.45 -1.62 5.95
N MET B 66 -10.54 -2.16 5.41
CA MET B 66 -11.27 -1.50 4.34
C MET B 66 -12.73 -1.89 4.45
N HIS B 67 -13.59 -1.03 3.88
CA HIS B 67 -15.03 -1.26 3.92
C HIS B 67 -15.65 -0.76 2.63
N TRP B 68 -16.72 -1.43 2.20
CA TRP B 68 -17.43 -1.04 0.99
C TRP B 68 -18.61 -0.15 1.33
N GLY B 69 -18.83 0.87 0.50
CA GLY B 69 -20.00 1.70 0.65
C GLY B 69 -21.25 1.04 0.08
N THR B 70 -22.40 1.62 0.41
CA THR B 70 -23.66 1.05 -0.04
C THR B 70 -23.84 1.14 -1.56
N ASP B 71 -23.08 2.02 -2.23
CA ASP B 71 -23.22 2.20 -3.66
C ASP B 71 -22.55 1.11 -4.48
N SER B 72 -21.74 0.26 -3.85
CA SER B 72 -20.99 -0.81 -4.52
C SER B 72 -19.90 -0.28 -5.43
N ARG B 73 -19.63 1.01 -5.41
CA ARG B 73 -18.59 1.63 -6.24
C ARG B 73 -17.46 2.23 -5.42
N LEU B 74 -17.78 2.93 -4.33
CA LEU B 74 -16.78 3.59 -3.51
C LEU B 74 -16.39 2.71 -2.33
N LEU B 75 -15.09 2.61 -2.08
CA LEU B 75 -14.57 1.84 -0.96
C LEU B 75 -13.55 2.69 -0.21
N VAL B 76 -13.46 2.43 1.09
CA VAL B 76 -12.53 3.12 1.97
C VAL B 76 -11.47 2.14 2.44
N SER B 77 -10.21 2.55 2.34
CA SER B 77 -9.08 1.71 2.71
C SER B 77 -8.25 2.41 3.78
N ALA B 78 -7.84 1.65 4.79
CA ALA B 78 -7.11 2.19 5.93
C ALA B 78 -5.69 1.62 5.95
N SER B 79 -4.71 2.51 6.09
CA SER B 79 -3.31 2.13 6.19
C SER B 79 -2.70 2.81 7.41
N GLN B 80 -1.64 2.20 7.94
CA GLN B 80 -0.95 2.73 9.10
C GLN B 80 0.05 3.83 8.76
N ASP B 81 0.00 4.36 7.53
CA ASP B 81 0.73 5.57 7.21
C ASP B 81 0.02 6.82 7.71
N GLY B 82 -1.21 6.69 8.19
CA GLY B 82 -1.95 7.81 8.74
C GLY B 82 -2.75 8.56 7.69
N LYS B 83 -3.54 7.83 6.90
CA LYS B 83 -4.33 8.46 5.86
C LYS B 83 -5.43 7.49 5.42
N LEU B 84 -6.60 8.05 5.09
CA LEU B 84 -7.70 7.31 4.49
C LEU B 84 -7.94 7.83 3.08
N ILE B 85 -8.09 6.91 2.13
CA ILE B 85 -8.27 7.24 0.73
C ILE B 85 -9.59 6.65 0.26
N ILE B 86 -10.42 7.47 -0.38
CA ILE B 86 -11.68 7.04 -0.97
C ILE B 86 -11.43 6.77 -2.46
N TRP B 87 -11.76 5.55 -2.90
CA TRP B 87 -11.43 5.09 -4.23
C TRP B 87 -12.70 4.91 -5.07
N ASP B 88 -12.62 5.35 -6.33
CA ASP B 88 -13.67 5.07 -7.31
C ASP B 88 -13.31 3.74 -7.96
N SER B 89 -13.92 2.67 -7.46
CA SER B 89 -13.50 1.32 -7.85
C SER B 89 -13.64 1.09 -9.35
N TYR B 90 -14.69 1.66 -9.98
CA TYR B 90 -14.91 1.40 -11.39
C TYR B 90 -13.80 1.95 -12.27
N THR B 91 -13.18 3.06 -11.85
CA THR B 91 -12.19 3.72 -12.70
C THR B 91 -10.88 4.02 -11.98
N THR B 92 -10.67 3.50 -10.77
CA THR B 92 -9.45 3.67 -9.99
C THR B 92 -9.24 5.11 -9.53
N ASN B 93 -10.13 6.04 -9.88
CA ASN B 93 -9.96 7.42 -9.48
C ASN B 93 -10.07 7.56 -7.96
N LYS B 94 -9.25 8.45 -7.41
CA LYS B 94 -9.28 8.73 -5.97
C LYS B 94 -10.27 9.88 -5.72
N VAL B 95 -11.22 9.64 -4.82
CA VAL B 95 -12.25 10.62 -4.54
C VAL B 95 -11.81 11.61 -3.47
N HIS B 96 -11.18 11.12 -2.39
CA HIS B 96 -10.73 11.98 -1.31
C HIS B 96 -9.45 11.42 -0.71
N ALA B 97 -8.68 12.30 -0.08
CA ALA B 97 -7.49 11.93 0.68
C ALA B 97 -7.60 12.58 2.05
N ILE B 98 -7.79 11.77 3.08
CA ILE B 98 -8.04 12.24 4.44
C ILE B 98 -6.79 11.95 5.27
N PRO B 99 -6.00 12.96 5.63
CA PRO B 99 -4.92 12.72 6.59
C PRO B 99 -5.47 12.39 7.97
N LEU B 100 -4.73 11.56 8.69
CA LEU B 100 -5.15 11.08 10.00
C LEU B 100 -4.17 11.56 11.06
N ARG B 101 -4.72 12.12 12.15
CA ARG B 101 -3.88 12.58 13.26
C ARG B 101 -3.14 11.42 13.91
N SER B 102 -3.80 10.26 14.04
CA SER B 102 -3.17 9.06 14.57
C SER B 102 -2.76 8.17 13.40
N SER B 103 -1.48 7.80 13.37
CA SER B 103 -0.93 7.07 12.22
C SER B 103 -1.16 5.57 12.31
N TRP B 104 -1.68 5.06 13.42
CA TRP B 104 -1.84 3.62 13.62
C TRP B 104 -3.30 3.20 13.59
N VAL B 105 -4.08 3.80 12.68
CA VAL B 105 -5.49 3.42 12.56
C VAL B 105 -5.57 1.93 12.23
N MET B 106 -6.46 1.23 12.94
CA MET B 106 -6.62 -0.21 12.79
C MET B 106 -7.94 -0.61 12.16
N THR B 107 -8.91 0.29 12.06
CA THR B 107 -10.22 -0.05 11.51
C THR B 107 -10.81 1.17 10.82
N CYS B 108 -11.75 0.91 9.91
CA CYS B 108 -12.44 1.98 9.20
C CYS B 108 -13.86 1.53 8.89
N ALA B 109 -14.72 2.51 8.62
CA ALA B 109 -16.11 2.26 8.29
C ALA B 109 -16.58 3.28 7.27
N TYR B 110 -17.60 2.90 6.51
CA TYR B 110 -18.24 3.77 5.52
C TYR B 110 -19.72 3.85 5.82
N ALA B 111 -20.21 5.05 6.10
CA ALA B 111 -21.60 5.19 6.50
C ALA B 111 -22.53 4.81 5.35
N PRO B 112 -23.67 4.20 5.64
CA PRO B 112 -24.57 3.78 4.54
C PRO B 112 -25.04 4.92 3.67
N SER B 113 -25.25 6.11 4.25
CA SER B 113 -25.67 7.26 3.45
C SER B 113 -24.53 7.83 2.62
N GLY B 114 -23.29 7.41 2.89
CA GLY B 114 -22.15 7.95 2.19
C GLY B 114 -21.70 9.32 2.66
N ASN B 115 -22.20 9.79 3.80
CA ASN B 115 -21.88 11.12 4.29
C ASN B 115 -20.73 11.12 5.29
N TYR B 116 -20.50 10.03 6.00
CA TYR B 116 -19.50 9.99 7.06
C TYR B 116 -18.63 8.74 6.93
N VAL B 117 -17.39 8.87 7.40
CA VAL B 117 -16.45 7.76 7.49
C VAL B 117 -15.80 7.82 8.87
N ALA B 118 -15.65 6.65 9.50
CA ALA B 118 -15.06 6.55 10.82
C ALA B 118 -13.87 5.62 10.77
N CYS B 119 -12.89 5.87 11.63
CA CYS B 119 -11.70 5.03 11.71
C CYS B 119 -11.04 5.23 13.06
N GLY B 120 -10.30 4.22 13.49
CA GLY B 120 -9.61 4.26 14.76
C GLY B 120 -8.47 3.27 14.78
N GLY B 121 -7.72 3.27 15.87
CA GLY B 121 -6.57 2.40 15.99
C GLY B 121 -5.98 2.33 17.39
N LEU B 122 -4.65 2.33 17.47
CA LEU B 122 -3.99 2.31 18.77
C LEU B 122 -4.46 3.45 19.64
N ASP B 123 -4.75 4.61 19.05
CA ASP B 123 -5.40 5.68 19.78
C ASP B 123 -6.80 5.23 20.20
N ASN B 124 -7.23 5.68 21.37
CA ASN B 124 -8.50 5.26 21.95
C ASN B 124 -9.69 6.03 21.38
N ILE B 125 -9.54 6.63 20.21
CA ILE B 125 -10.59 7.44 19.59
C ILE B 125 -10.87 6.89 18.20
N CYS B 126 -12.14 6.64 17.90
CA CYS B 126 -12.59 6.29 16.56
C CYS B 126 -13.31 7.52 16.00
N SER B 127 -12.56 8.42 15.40
CA SER B 127 -13.08 9.71 14.96
C SER B 127 -13.94 9.54 13.71
N ILE B 128 -14.95 10.40 13.58
CA ILE B 128 -15.86 10.39 12.45
C ILE B 128 -15.47 11.53 11.52
N TYR B 129 -15.35 11.22 10.23
CA TYR B 129 -14.98 12.20 9.21
C TYR B 129 -16.17 12.42 8.27
N ASN B 130 -16.51 13.68 8.04
CA ASN B 130 -17.66 14.04 7.21
C ASN B 130 -17.21 14.16 5.77
N LEU B 131 -17.76 13.31 4.90
CA LEU B 131 -17.38 13.31 3.49
C LEU B 131 -18.01 14.46 2.71
N LYS B 132 -19.21 14.89 3.07
CA LYS B 132 -19.97 15.89 2.31
C LYS B 132 -20.20 17.11 3.19
N THR B 133 -19.36 18.13 3.01
CA THR B 133 -19.52 19.40 3.68
C THR B 133 -19.36 20.52 2.66
N ARG B 134 -20.09 21.62 2.88
CA ARG B 134 -20.05 22.72 1.93
C ARG B 134 -18.66 23.34 1.85
N GLU B 135 -17.82 23.15 2.87
CA GLU B 135 -16.46 23.67 2.83
C GLU B 135 -15.63 23.00 1.75
N GLY B 136 -16.05 21.82 1.26
CA GLY B 136 -15.38 21.15 0.18
C GLY B 136 -14.25 20.22 0.57
N ASN B 137 -13.91 20.15 1.86
CA ASN B 137 -12.84 19.28 2.32
C ASN B 137 -13.32 18.48 3.53
N VAL B 138 -12.78 17.27 3.68
CA VAL B 138 -13.17 16.40 4.77
C VAL B 138 -12.64 16.96 6.09
N ARG B 139 -13.51 17.03 7.09
CA ARG B 139 -13.14 17.51 8.41
C ARG B 139 -13.72 16.60 9.47
N VAL B 140 -13.09 16.59 10.64
CA VAL B 140 -13.56 15.76 11.74
C VAL B 140 -14.78 16.41 12.38
N SER B 141 -15.86 15.65 12.49
CA SER B 141 -17.09 16.15 13.10
C SER B 141 -17.23 15.79 14.56
N ARG B 142 -16.72 14.64 14.98
CA ARG B 142 -16.81 14.23 16.37
C ARG B 142 -15.66 13.28 16.69
N GLU B 143 -15.32 13.18 17.97
CA GLU B 143 -14.31 12.26 18.46
C GLU B 143 -14.89 11.49 19.64
N LEU B 144 -14.73 10.17 19.62
CA LEU B 144 -15.29 9.29 20.63
C LEU B 144 -14.14 8.73 21.45
N ALA B 145 -13.92 9.30 22.63
CA ALA B 145 -12.77 8.99 23.47
C ALA B 145 -13.19 8.34 24.78
N GLY B 146 -14.16 7.43 24.72
CA GLY B 146 -14.62 6.74 25.91
C GLY B 146 -13.88 5.44 26.19
N HIS B 147 -13.20 4.91 25.19
CA HIS B 147 -12.51 3.64 25.34
C HIS B 147 -11.14 3.82 25.99
N THR B 148 -10.68 2.77 26.66
CA THR B 148 -9.36 2.73 27.28
C THR B 148 -8.42 1.78 26.55
N GLY B 149 -8.75 1.40 25.32
CA GLY B 149 -7.91 0.49 24.55
C GLY B 149 -7.97 0.84 23.08
N TYR B 150 -7.11 0.17 22.31
CA TYR B 150 -7.05 0.41 20.88
C TYR B 150 -8.35 0.01 20.21
N LEU B 151 -8.86 0.89 19.34
CA LEU B 151 -10.09 0.61 18.61
C LEU B 151 -9.81 -0.42 17.52
N SER B 152 -10.49 -1.56 17.59
CA SER B 152 -10.26 -2.67 16.66
C SER B 152 -11.31 -2.74 15.56
N CYS B 153 -12.52 -2.25 15.81
CA CYS B 153 -13.57 -2.27 14.79
C CYS B 153 -14.65 -1.27 15.19
N CYS B 154 -15.01 -0.39 14.26
CA CYS B 154 -16.08 0.58 14.45
C CYS B 154 -17.07 0.43 13.31
N ARG B 155 -18.36 0.34 13.65
CA ARG B 155 -19.40 0.09 12.67
C ARG B 155 -20.59 1.03 12.92
N PHE B 156 -21.26 1.41 11.84
CA PHE B 156 -22.37 2.34 11.92
C PHE B 156 -23.70 1.61 11.90
N LEU B 157 -24.59 2.01 12.81
CA LEU B 157 -26.00 1.62 12.75
C LEU B 157 -26.86 2.67 12.08
N ASP B 158 -26.46 3.93 12.15
CA ASP B 158 -27.16 5.04 11.52
C ASP B 158 -26.21 6.22 11.45
N ASP B 159 -26.66 7.30 10.80
CA ASP B 159 -25.83 8.49 10.68
C ASP B 159 -25.57 9.14 12.04
N ASN B 160 -26.34 8.77 13.07
CA ASN B 160 -26.15 9.31 14.41
C ASN B 160 -25.57 8.30 15.39
N GLN B 161 -25.64 7.01 15.08
CA GLN B 161 -25.20 5.97 16.01
C GLN B 161 -24.12 5.11 15.36
N ILE B 162 -23.03 4.89 16.10
CA ILE B 162 -21.93 4.04 15.67
C ILE B 162 -21.52 3.15 16.83
N VAL B 163 -21.32 1.86 16.54
CA VAL B 163 -20.89 0.88 17.53
C VAL B 163 -19.40 0.62 17.31
N THR B 164 -18.65 0.60 18.41
CA THR B 164 -17.20 0.48 18.36
C THR B 164 -16.73 -0.66 19.26
N SER B 165 -15.61 -1.26 18.86
CA SER B 165 -14.95 -2.29 19.65
C SER B 165 -13.50 -1.87 19.88
N SER B 166 -12.96 -2.26 21.03
CA SER B 166 -11.59 -1.91 21.39
C SER B 166 -10.96 -3.06 22.16
N GLY B 167 -9.67 -2.91 22.45
CA GLY B 167 -8.90 -3.95 23.12
C GLY B 167 -9.13 -4.03 24.61
N ASP B 168 -9.89 -3.09 25.19
CA ASP B 168 -10.16 -3.09 26.62
C ASP B 168 -11.21 -4.13 27.03
N THR B 169 -11.57 -5.05 26.13
CA THR B 169 -12.53 -6.12 26.36
C THR B 169 -13.97 -5.62 26.45
N THR B 170 -14.22 -4.35 26.14
CA THR B 170 -15.55 -3.77 26.24
C THR B 170 -15.91 -3.09 24.94
N CYS B 171 -17.15 -3.27 24.50
CA CYS B 171 -17.70 -2.56 23.35
C CYS B 171 -18.64 -1.46 23.82
N ALA B 172 -18.72 -0.39 23.04
CA ALA B 172 -19.53 0.76 23.39
C ALA B 172 -20.39 1.16 22.20
N LEU B 173 -21.56 1.73 22.51
CA LEU B 173 -22.46 2.27 21.52
C LEU B 173 -22.54 3.79 21.71
N TRP B 174 -22.29 4.53 20.63
CA TRP B 174 -22.14 5.98 20.70
C TRP B 174 -23.24 6.68 19.94
N ASP B 175 -23.54 7.90 20.39
CA ASP B 175 -24.42 8.83 19.69
C ASP B 175 -23.57 9.98 19.16
N ILE B 176 -23.52 10.13 17.84
CA ILE B 176 -22.60 11.10 17.24
C ILE B 176 -22.94 12.52 17.69
N GLU B 177 -24.22 12.82 17.86
CA GLU B 177 -24.61 14.18 18.23
C GLU B 177 -24.05 14.58 19.59
N THR B 178 -24.10 13.67 20.56
CA THR B 178 -23.62 13.96 21.90
C THR B 178 -22.24 13.38 22.19
N GLY B 179 -21.83 12.35 21.46
CA GLY B 179 -20.52 11.76 21.68
C GLY B 179 -20.36 11.12 23.04
N GLN B 180 -21.35 10.34 23.47
CA GLN B 180 -21.29 9.65 24.76
C GLN B 180 -21.74 8.21 24.57
N GLN B 181 -21.27 7.34 25.46
CA GLN B 181 -21.60 5.93 25.41
C GLN B 181 -23.01 5.70 25.97
N THR B 182 -23.97 5.44 25.07
CA THR B 182 -25.33 5.16 25.52
C THR B 182 -25.40 3.87 26.32
N THR B 183 -24.69 2.84 25.88
CA THR B 183 -24.66 1.56 26.58
C THR B 183 -23.29 0.93 26.39
N THR B 184 -22.90 0.09 27.35
CA THR B 184 -21.59 -0.55 27.36
C THR B 184 -21.73 -2.05 27.44
N PHE B 185 -20.93 -2.76 26.66
CA PHE B 185 -20.88 -4.21 26.64
C PHE B 185 -19.57 -4.64 27.29
N THR B 186 -19.65 -5.52 28.30
CA THR B 186 -18.48 -5.92 29.08
C THR B 186 -18.44 -7.41 29.36
N GLY B 187 -19.00 -8.24 28.48
CA GLY B 187 -19.04 -9.66 28.74
C GLY B 187 -17.72 -10.38 28.48
N HIS B 188 -16.95 -9.93 27.49
CA HIS B 188 -15.74 -10.64 27.11
C HIS B 188 -14.65 -10.44 28.15
N THR B 189 -13.75 -11.43 28.24
CA THR B 189 -12.61 -11.38 29.14
C THR B 189 -11.31 -11.06 28.39
N GLY B 190 -11.39 -10.75 27.10
CA GLY B 190 -10.21 -10.48 26.31
C GLY B 190 -10.48 -9.40 25.27
N ASP B 191 -9.41 -8.98 24.61
CA ASP B 191 -9.51 -7.92 23.61
C ASP B 191 -10.45 -8.33 22.48
N VAL B 192 -11.33 -7.41 22.10
CA VAL B 192 -12.27 -7.64 21.01
C VAL B 192 -11.61 -7.24 19.70
N MET B 193 -11.60 -8.16 18.73
CA MET B 193 -10.90 -7.97 17.48
C MET B 193 -11.82 -7.65 16.31
N SER B 194 -13.03 -8.22 16.28
CA SER B 194 -13.92 -8.10 15.15
C SER B 194 -15.33 -7.78 15.61
N LEU B 195 -16.11 -7.18 14.71
CA LEU B 195 -17.50 -6.86 14.97
C LEU B 195 -18.21 -6.72 13.63
N SER B 196 -19.46 -7.16 13.57
CA SER B 196 -20.26 -7.07 12.36
C SER B 196 -21.72 -6.96 12.73
N LEU B 197 -22.43 -6.08 12.03
CA LEU B 197 -23.83 -5.80 12.31
C LEU B 197 -24.74 -6.75 11.53
N ALA B 198 -25.93 -7.00 12.09
CA ALA B 198 -26.92 -7.81 11.42
C ALA B 198 -27.55 -7.03 10.27
N PRO B 199 -28.20 -7.73 9.34
CA PRO B 199 -28.86 -7.00 8.22
C PRO B 199 -29.84 -5.94 8.70
N ASP B 200 -30.55 -6.19 9.79
CA ASP B 200 -31.49 -5.23 10.35
C ASP B 200 -30.87 -4.31 11.39
N THR B 201 -29.59 -4.47 11.69
CA THR B 201 -28.86 -3.68 12.67
C THR B 201 -29.38 -3.85 14.09
N ARG B 202 -30.27 -4.81 14.33
CA ARG B 202 -30.79 -5.03 15.66
C ARG B 202 -29.78 -5.73 16.57
N LEU B 203 -29.01 -6.66 16.03
CA LEU B 203 -28.05 -7.44 16.79
C LEU B 203 -26.72 -7.47 16.06
N PHE B 204 -25.64 -7.65 16.82
CA PHE B 204 -24.30 -7.72 16.27
C PHE B 204 -23.49 -8.74 17.05
N VAL B 205 -22.49 -9.31 16.37
CA VAL B 205 -21.62 -10.33 16.94
C VAL B 205 -20.18 -9.85 16.86
N SER B 206 -19.41 -10.10 17.92
CA SER B 206 -18.02 -9.71 17.99
C SER B 206 -17.18 -10.86 18.52
N GLY B 207 -15.98 -11.01 17.97
CA GLY B 207 -15.04 -12.02 18.40
C GLY B 207 -13.89 -11.38 19.16
N ALA B 208 -13.40 -12.08 20.18
CA ALA B 208 -12.32 -11.59 21.03
C ALA B 208 -11.26 -12.68 21.19
N CYS B 209 -10.20 -12.33 21.92
CA CYS B 209 -9.08 -13.25 22.11
C CYS B 209 -9.40 -14.40 23.05
N ASP B 210 -10.55 -14.37 23.72
CA ASP B 210 -10.95 -15.44 24.61
C ASP B 210 -11.43 -16.68 23.87
N ALA B 211 -11.26 -16.76 22.55
CA ALA B 211 -11.70 -17.92 21.77
C ALA B 211 -13.20 -18.15 21.91
N SER B 212 -13.99 -17.07 21.94
CA SER B 212 -15.43 -17.16 22.04
C SER B 212 -16.06 -15.98 21.33
N ALA B 213 -17.25 -16.20 20.80
CA ALA B 213 -18.05 -15.17 20.14
C ALA B 213 -19.41 -15.07 20.82
N LYS B 214 -19.85 -13.84 21.07
CA LYS B 214 -21.07 -13.59 21.82
C LYS B 214 -22.03 -12.76 20.99
N LEU B 215 -23.32 -13.03 21.13
CA LEU B 215 -24.37 -12.27 20.46
C LEU B 215 -24.81 -11.12 21.36
N TRP B 216 -24.87 -9.92 20.80
CA TRP B 216 -25.15 -8.71 21.56
C TRP B 216 -26.40 -8.03 21.01
N ASP B 217 -27.19 -7.47 21.92
CA ASP B 217 -28.38 -6.70 21.56
C ASP B 217 -28.10 -5.22 21.76
N VAL B 218 -28.32 -4.43 20.71
CA VAL B 218 -27.96 -3.01 20.77
C VAL B 218 -28.81 -2.27 21.80
N ARG B 219 -30.13 -2.49 21.78
CA ARG B 219 -31.01 -1.76 22.68
C ARG B 219 -30.95 -2.33 24.10
N GLU B 220 -30.97 -3.65 24.23
CA GLU B 220 -30.93 -4.27 25.55
C GLU B 220 -29.53 -4.20 26.16
N GLY B 221 -28.50 -4.23 25.33
CA GLY B 221 -27.14 -4.21 25.84
C GLY B 221 -26.76 -5.42 26.66
N MET B 222 -27.24 -6.59 26.27
CA MET B 222 -26.98 -7.83 27.00
C MET B 222 -26.61 -8.93 26.03
N CYS B 223 -25.90 -9.94 26.53
CA CYS B 223 -25.43 -11.06 25.73
C CYS B 223 -26.56 -12.07 25.58
N ARG B 224 -27.13 -12.16 24.37
CA ARG B 224 -28.20 -13.13 24.14
C ARG B 224 -27.65 -14.55 24.09
N GLN B 225 -26.54 -14.76 23.40
CA GLN B 225 -25.98 -16.09 23.21
C GLN B 225 -24.45 -16.00 23.17
N THR B 226 -23.80 -17.11 23.53
CA THR B 226 -22.36 -17.23 23.49
C THR B 226 -21.97 -18.50 22.74
N PHE B 227 -20.82 -18.43 22.05
CA PHE B 227 -20.32 -19.55 21.25
C PHE B 227 -18.80 -19.57 21.41
N THR B 228 -18.28 -20.46 22.25
CA THR B 228 -16.84 -20.57 22.43
C THR B 228 -16.18 -20.99 21.12
N GLY B 229 -16.42 -22.22 20.70
CA GLY B 229 -16.03 -22.68 19.38
C GLY B 229 -14.53 -22.91 19.19
N HIS B 230 -13.74 -21.84 19.21
CA HIS B 230 -12.36 -21.92 18.80
C HIS B 230 -11.45 -22.23 19.98
N GLU B 231 -10.16 -22.41 19.68
CA GLU B 231 -9.13 -22.68 20.67
C GLU B 231 -8.20 -21.49 20.90
N SER B 232 -8.23 -20.49 20.02
CA SER B 232 -7.33 -19.35 20.11
C SER B 232 -8.12 -18.09 19.81
N ASP B 233 -7.40 -16.98 19.62
CA ASP B 233 -8.05 -15.70 19.41
C ASP B 233 -8.85 -15.70 18.12
N ILE B 234 -9.95 -14.95 18.11
CA ILE B 234 -10.79 -14.78 16.93
C ILE B 234 -10.52 -13.39 16.37
N ASN B 235 -10.12 -13.33 15.10
CA ASN B 235 -9.70 -12.07 14.49
C ASN B 235 -10.76 -11.46 13.57
N ALA B 236 -11.69 -12.25 13.05
CA ALA B 236 -12.69 -11.74 12.12
C ALA B 236 -14.04 -12.40 12.39
N ILE B 237 -15.10 -11.73 11.98
CA ILE B 237 -16.46 -12.24 12.14
C ILE B 237 -17.34 -11.54 11.11
N CYS B 238 -18.27 -12.30 10.52
CA CYS B 238 -19.15 -11.77 9.49
C CYS B 238 -20.53 -12.39 9.64
N PHE B 239 -21.56 -11.56 9.52
CA PHE B 239 -22.94 -12.02 9.63
C PHE B 239 -23.41 -12.65 8.33
N PHE B 240 -24.12 -13.77 8.45
CA PHE B 240 -24.69 -14.40 7.27
C PHE B 240 -25.78 -13.51 6.69
N PRO B 241 -25.96 -13.51 5.36
CA PRO B 241 -26.96 -12.60 4.76
C PRO B 241 -28.35 -12.73 5.36
N ASN B 242 -28.81 -13.94 5.69
CA ASN B 242 -30.12 -14.10 6.28
C ASN B 242 -30.17 -13.67 7.74
N GLY B 243 -29.02 -13.51 8.40
CA GLY B 243 -28.97 -13.08 9.77
C GLY B 243 -29.09 -14.17 10.80
N ASN B 244 -29.25 -15.43 10.38
CA ASN B 244 -29.39 -16.55 11.32
C ASN B 244 -28.07 -17.27 11.59
N ALA B 245 -26.97 -16.84 10.99
CA ALA B 245 -25.68 -17.48 11.16
C ALA B 245 -24.57 -16.47 10.98
N PHE B 246 -23.36 -16.85 11.40
CA PHE B 246 -22.19 -16.01 11.22
C PHE B 246 -20.95 -16.90 11.26
N ALA B 247 -19.95 -16.52 10.48
CA ALA B 247 -18.67 -17.22 10.43
C ALA B 247 -17.61 -16.42 11.15
N THR B 248 -16.61 -17.12 11.68
CA THR B 248 -15.54 -16.52 12.45
C THR B 248 -14.20 -16.98 11.93
N GLY B 249 -13.21 -16.09 12.07
CA GLY B 249 -11.82 -16.41 11.73
C GLY B 249 -10.95 -16.28 12.96
N SER B 250 -10.07 -17.27 13.16
CA SER B 250 -9.25 -17.33 14.35
C SER B 250 -7.84 -17.76 13.99
N ASP B 251 -6.91 -17.53 14.93
CA ASP B 251 -5.52 -17.89 14.73
C ASP B 251 -5.29 -19.40 14.71
N ASP B 252 -6.29 -20.20 15.09
CA ASP B 252 -6.18 -21.65 15.09
C ASP B 252 -6.17 -22.26 13.68
N ALA B 253 -6.17 -21.44 12.63
CA ALA B 253 -6.10 -21.89 11.25
C ALA B 253 -7.36 -22.63 10.81
N THR B 254 -8.49 -22.38 11.45
CA THR B 254 -9.76 -23.00 11.08
C THR B 254 -10.87 -21.97 11.19
N CYS B 255 -11.78 -21.97 10.22
CA CYS B 255 -12.95 -21.10 10.24
C CYS B 255 -14.16 -21.90 10.69
N ARG B 256 -14.92 -21.33 11.62
CA ARG B 256 -16.05 -22.01 12.23
C ARG B 256 -17.32 -21.19 11.99
N LEU B 257 -18.39 -21.89 11.61
CA LEU B 257 -19.68 -21.27 11.32
C LEU B 257 -20.66 -21.59 12.45
N PHE B 258 -21.34 -20.58 12.95
CA PHE B 258 -22.24 -20.70 14.08
C PHE B 258 -23.63 -20.21 13.72
N ASP B 259 -24.63 -20.74 14.40
CA ASP B 259 -26.02 -20.42 14.16
C ASP B 259 -26.67 -19.92 15.44
N LEU B 260 -27.40 -18.82 15.34
CA LEU B 260 -28.08 -18.23 16.49
C LEU B 260 -29.33 -19.00 16.89
N ARG B 261 -29.84 -19.88 16.02
CA ARG B 261 -31.01 -20.69 16.31
C ARG B 261 -30.67 -22.06 16.86
N ALA B 262 -29.65 -22.72 16.31
CA ALA B 262 -29.23 -24.02 16.80
C ALA B 262 -28.25 -23.95 17.97
N ASP B 263 -27.64 -22.79 18.22
CA ASP B 263 -26.68 -22.63 19.30
C ASP B 263 -25.57 -23.67 19.21
N GLN B 264 -25.09 -23.93 18.00
CA GLN B 264 -23.99 -24.85 17.78
C GLN B 264 -23.21 -24.44 16.55
N GLU B 265 -21.98 -24.94 16.46
CA GLU B 265 -21.12 -24.70 15.30
C GLU B 265 -21.62 -25.54 14.13
N LEU B 266 -22.13 -24.88 13.09
CA LEU B 266 -22.67 -25.62 11.94
C LEU B 266 -21.58 -26.37 11.21
N MET B 267 -20.45 -25.73 10.95
CA MET B 267 -19.41 -26.32 10.11
C MET B 267 -18.06 -25.69 10.44
N THR B 268 -17.01 -26.45 10.17
CA THR B 268 -15.64 -25.99 10.34
C THR B 268 -14.91 -26.10 9.00
N TYR B 269 -14.30 -25.00 8.57
CA TYR B 269 -13.53 -24.97 7.32
C TYR B 269 -12.05 -24.97 7.68
N SER B 270 -11.35 -26.03 7.29
CA SER B 270 -9.93 -26.15 7.57
C SER B 270 -9.30 -27.08 6.55
N HIS B 271 -7.97 -26.98 6.44
CA HIS B 271 -7.20 -27.82 5.54
C HIS B 271 -5.85 -28.12 6.18
N ASP B 272 -5.27 -29.25 5.78
CA ASP B 272 -3.98 -29.64 6.35
C ASP B 272 -2.88 -28.63 5.98
N ASN B 273 -2.88 -28.15 4.74
CA ASN B 273 -1.84 -27.26 4.27
C ASN B 273 -1.89 -25.89 4.94
N ILE B 274 -2.99 -25.54 5.61
CA ILE B 274 -3.11 -24.26 6.28
C ILE B 274 -2.70 -24.45 7.73
N ILE B 275 -1.65 -23.74 8.14
CA ILE B 275 -1.16 -23.79 9.51
C ILE B 275 -1.01 -22.35 10.02
N CYS B 276 -1.73 -21.42 9.41
CA CYS B 276 -1.65 -20.01 9.75
C CYS B 276 -3.04 -19.47 10.03
N GLY B 277 -3.08 -18.37 10.78
CA GLY B 277 -4.35 -17.82 11.21
C GLY B 277 -5.07 -17.06 10.10
N ILE B 278 -6.31 -16.69 10.40
CA ILE B 278 -7.17 -15.95 9.48
C ILE B 278 -7.23 -14.49 9.91
N THR B 279 -7.25 -13.59 8.93
CA THR B 279 -7.33 -12.16 9.18
C THR B 279 -8.71 -11.58 8.92
N SER B 280 -9.41 -12.08 7.91
CA SER B 280 -10.72 -11.56 7.55
C SER B 280 -11.59 -12.70 7.04
N VAL B 281 -12.90 -12.50 7.12
CA VAL B 281 -13.88 -13.47 6.63
C VAL B 281 -15.08 -12.70 6.11
N SER B 282 -15.63 -13.15 4.98
CA SER B 282 -16.81 -12.53 4.42
C SER B 282 -17.50 -13.50 3.47
N PHE B 283 -18.82 -13.42 3.43
CA PHE B 283 -19.64 -14.26 2.56
C PHE B 283 -20.00 -13.52 1.28
N SER B 284 -20.31 -14.29 0.25
CA SER B 284 -20.86 -13.71 -0.97
C SER B 284 -22.28 -13.22 -0.72
N LYS B 285 -22.90 -12.66 -1.77
CA LYS B 285 -24.23 -12.10 -1.61
C LYS B 285 -25.24 -13.17 -1.22
N SER B 286 -25.18 -14.33 -1.89
CA SER B 286 -26.11 -15.42 -1.57
C SER B 286 -25.68 -16.22 -0.35
N GLY B 287 -24.44 -16.05 0.12
CA GLY B 287 -23.95 -16.77 1.27
C GLY B 287 -23.41 -18.15 0.98
N ARG B 288 -23.42 -18.59 -0.28
CA ARG B 288 -22.90 -19.92 -0.59
C ARG B 288 -21.38 -19.96 -0.50
N LEU B 289 -20.72 -18.83 -0.73
CA LEU B 289 -19.26 -18.76 -0.74
C LEU B 289 -18.79 -17.93 0.44
N LEU B 290 -17.77 -18.44 1.13
CA LEU B 290 -17.12 -17.73 2.24
C LEU B 290 -15.71 -17.37 1.80
N LEU B 291 -15.44 -16.08 1.71
CA LEU B 291 -14.13 -15.57 1.33
C LEU B 291 -13.38 -15.13 2.58
N ALA B 292 -12.20 -15.69 2.80
CA ALA B 292 -11.43 -15.46 4.01
C ALA B 292 -9.98 -15.16 3.66
N GLY B 293 -9.35 -14.35 4.51
CA GLY B 293 -7.94 -14.01 4.35
C GLY B 293 -7.07 -14.86 5.25
N TYR B 294 -5.85 -15.10 4.80
CA TYR B 294 -4.89 -15.92 5.54
C TYR B 294 -3.53 -15.24 5.56
N ASP B 295 -2.75 -15.57 6.59
CA ASP B 295 -1.44 -14.94 6.77
C ASP B 295 -0.41 -15.41 5.76
N ASP B 296 -0.73 -16.43 4.95
CA ASP B 296 0.20 -16.97 3.97
C ASP B 296 0.16 -16.23 2.64
N PHE B 297 -0.31 -14.99 2.63
CA PHE B 297 -0.31 -14.09 1.47
C PHE B 297 -1.37 -14.47 0.43
N ASN B 298 -2.34 -15.32 0.77
CA ASN B 298 -3.36 -15.71 -0.19
C ASN B 298 -4.69 -15.88 0.51
N CYS B 299 -5.76 -15.65 -0.24
CA CYS B 299 -7.14 -15.82 0.24
C CYS B 299 -7.73 -17.07 -0.38
N ASN B 300 -8.33 -17.91 0.45
CA ASN B 300 -8.97 -19.14 0.02
C ASN B 300 -10.48 -18.97 0.04
N VAL B 301 -11.14 -19.50 -0.99
CA VAL B 301 -12.59 -19.45 -1.10
C VAL B 301 -13.15 -20.79 -0.62
N TRP B 302 -14.05 -20.74 0.35
CA TRP B 302 -14.65 -21.92 0.94
C TRP B 302 -16.13 -21.97 0.64
N ASP B 303 -16.63 -23.14 0.25
CA ASP B 303 -18.06 -23.32 0.04
C ASP B 303 -18.77 -23.38 1.39
N ALA B 304 -19.77 -22.52 1.57
CA ALA B 304 -20.43 -22.42 2.86
C ALA B 304 -21.05 -23.76 3.28
N LEU B 305 -21.55 -24.54 2.32
CA LEU B 305 -22.21 -25.80 2.62
C LEU B 305 -21.27 -27.00 2.49
N LYS B 306 -20.68 -27.19 1.31
CA LYS B 306 -19.82 -28.36 1.09
C LYS B 306 -18.56 -28.33 1.94
N ALA B 307 -18.12 -27.14 2.37
CA ALA B 307 -16.91 -27.00 3.17
C ALA B 307 -15.70 -27.55 2.43
N ASP B 308 -15.51 -27.09 1.20
CA ASP B 308 -14.38 -27.50 0.37
C ASP B 308 -13.79 -26.27 -0.31
N ARG B 309 -12.50 -26.37 -0.63
CA ARG B 309 -11.77 -25.25 -1.22
C ARG B 309 -12.25 -25.02 -2.64
N ALA B 310 -13.01 -23.94 -2.85
CA ALA B 310 -13.50 -23.60 -4.18
C ALA B 310 -12.44 -22.89 -5.02
N GLY B 311 -11.61 -22.07 -4.39
CA GLY B 311 -10.60 -21.33 -5.14
C GLY B 311 -9.63 -20.65 -4.21
N VAL B 312 -8.53 -20.17 -4.80
CA VAL B 312 -7.47 -19.49 -4.07
C VAL B 312 -7.06 -18.25 -4.84
N LEU B 313 -6.92 -17.13 -4.12
CA LEU B 313 -6.42 -15.89 -4.67
C LEU B 313 -5.03 -15.62 -4.10
N ALA B 314 -4.05 -15.50 -4.97
CA ALA B 314 -2.64 -15.32 -4.57
C ALA B 314 -2.03 -14.14 -5.29
N GLY B 315 -2.77 -13.05 -5.41
CA GLY B 315 -2.30 -11.85 -6.06
C GLY B 315 -1.62 -10.84 -5.15
N HIS B 316 -1.39 -11.20 -3.88
CA HIS B 316 -0.77 -10.30 -2.92
C HIS B 316 0.56 -10.89 -2.45
N ASP B 317 1.57 -10.03 -2.35
CA ASP B 317 2.90 -10.45 -1.93
C ASP B 317 3.11 -10.35 -0.42
N ASN B 318 2.15 -9.81 0.32
CA ASN B 318 2.28 -9.64 1.76
C ASN B 318 0.97 -10.07 2.42
N ARG B 319 0.93 -9.99 3.75
CA ARG B 319 -0.22 -10.47 4.51
C ARG B 319 -1.48 -9.73 4.11
N VAL B 320 -2.57 -10.47 3.94
CA VAL B 320 -3.88 -9.88 3.70
C VAL B 320 -4.56 -9.66 5.04
N SER B 321 -4.99 -8.43 5.29
CA SER B 321 -5.63 -8.07 6.56
C SER B 321 -7.13 -7.80 6.43
N CYS B 322 -7.61 -7.37 5.27
CA CYS B 322 -9.00 -7.00 5.09
C CYS B 322 -9.55 -7.63 3.81
N LEU B 323 -10.83 -7.98 3.86
CA LEU B 323 -11.52 -8.50 2.69
C LEU B 323 -13.01 -8.23 2.86
N GLY B 324 -13.64 -7.74 1.80
CA GLY B 324 -15.05 -7.41 1.84
C GLY B 324 -15.73 -7.55 0.50
N VAL B 325 -17.00 -7.94 0.50
CA VAL B 325 -17.77 -8.14 -0.71
C VAL B 325 -18.74 -6.98 -0.89
N THR B 326 -18.99 -6.61 -2.14
CA THR B 326 -19.92 -5.53 -2.43
C THR B 326 -21.35 -5.95 -2.08
N ASP B 327 -22.19 -4.96 -1.78
CA ASP B 327 -23.57 -5.25 -1.44
C ASP B 327 -24.27 -5.99 -2.57
N ASP B 328 -23.84 -5.79 -3.80
CA ASP B 328 -24.38 -6.51 -4.95
C ASP B 328 -23.62 -7.79 -5.26
N GLY B 329 -22.60 -8.12 -4.46
CA GLY B 329 -21.82 -9.31 -4.72
C GLY B 329 -21.07 -9.28 -6.03
N MET B 330 -20.88 -8.10 -6.62
CA MET B 330 -20.28 -8.00 -7.94
C MET B 330 -18.77 -8.24 -7.91
N ALA B 331 -18.11 -7.97 -6.80
CA ALA B 331 -16.66 -8.18 -6.70
C ALA B 331 -16.27 -8.18 -5.23
N VAL B 332 -15.05 -8.66 -4.98
CA VAL B 332 -14.49 -8.72 -3.63
C VAL B 332 -13.12 -8.06 -3.65
N ALA B 333 -12.88 -7.17 -2.69
CA ALA B 333 -11.63 -6.44 -2.59
C ALA B 333 -10.71 -7.11 -1.56
N THR B 334 -9.41 -7.14 -1.87
CA THR B 334 -8.41 -7.69 -0.97
C THR B 334 -7.35 -6.64 -0.71
N GLY B 335 -7.15 -6.29 0.55
CA GLY B 335 -6.10 -5.38 0.95
C GLY B 335 -5.02 -6.12 1.71
N SER B 336 -3.77 -5.78 1.43
CA SER B 336 -2.63 -6.49 1.99
C SER B 336 -1.59 -5.47 2.47
N TRP B 337 -0.62 -5.97 3.23
CA TRP B 337 0.42 -5.11 3.77
C TRP B 337 1.35 -4.56 2.70
N ASP B 338 1.28 -5.08 1.47
CA ASP B 338 2.09 -4.56 0.37
C ASP B 338 1.58 -3.20 -0.13
N SER B 339 0.58 -2.60 0.51
CA SER B 339 0.07 -1.28 0.18
C SER B 339 -0.73 -1.27 -1.12
N PHE B 340 -1.26 -2.42 -1.54
CA PHE B 340 -2.06 -2.54 -2.75
C PHE B 340 -3.38 -3.21 -2.41
N LEU B 341 -4.46 -2.72 -3.02
CA LEU B 341 -5.78 -3.33 -2.91
C LEU B 341 -6.21 -3.81 -4.29
N LYS B 342 -6.66 -5.06 -4.36
CA LYS B 342 -7.08 -5.67 -5.61
C LYS B 342 -8.52 -6.15 -5.51
N ILE B 343 -9.32 -5.84 -6.54
CA ILE B 343 -10.72 -6.20 -6.60
C ILE B 343 -10.87 -7.40 -7.53
N TRP B 344 -11.51 -8.45 -7.05
CA TRP B 344 -11.64 -9.71 -7.76
C TRP B 344 -13.09 -9.96 -8.12
N ASN B 345 -13.30 -10.56 -9.29
CA ASN B 345 -14.64 -10.88 -9.77
C ASN B 345 -14.61 -12.09 -10.69
N CYS C 5 50.44 -19.63 -41.69
CA CYS C 5 50.31 -18.58 -40.69
C CYS C 5 48.95 -18.63 -40.03
N ARG C 6 48.90 -18.21 -38.76
CA ARG C 6 47.65 -18.18 -38.01
C ARG C 6 47.66 -16.97 -37.09
N ASN C 7 46.46 -16.46 -36.80
CA ASN C 7 46.31 -15.27 -35.98
C ASN C 7 45.07 -15.41 -35.13
N PHE C 8 45.04 -14.69 -34.01
CA PHE C 8 43.91 -14.71 -33.07
C PHE C 8 43.40 -13.28 -32.92
N PHE C 9 42.32 -12.96 -33.64
CA PHE C 9 41.79 -11.60 -33.63
C PHE C 9 40.90 -11.33 -32.42
N TRP C 10 39.76 -12.02 -32.34
CA TRP C 10 38.80 -11.78 -31.26
C TRP C 10 38.62 -12.98 -30.35
N LYS C 11 38.10 -14.08 -30.85
CA LYS C 11 37.87 -15.26 -30.08
C LYS C 11 38.27 -16.56 -30.71
N THR C 12 38.83 -16.58 -31.94
CA THR C 12 39.15 -17.81 -32.65
C THR C 12 40.38 -17.56 -33.54
N PHE C 13 41.00 -18.66 -33.96
CA PHE C 13 42.14 -18.57 -34.85
C PHE C 13 41.69 -18.09 -36.23
N SER C 14 42.56 -17.30 -36.88
CA SER C 14 42.29 -16.76 -38.20
C SER C 14 43.41 -17.18 -39.14
N SER C 15 43.03 -17.59 -40.35
CA SER C 15 43.99 -18.11 -41.32
C SER C 15 44.76 -16.96 -41.94
N CYS C 16 45.97 -16.71 -41.43
CA CYS C 16 46.84 -15.68 -41.98
C CYS C 16 46.12 -14.34 -42.09
N VAL D 2 -19.91 29.40 2.55
CA VAL D 2 -19.36 29.62 1.19
C VAL D 2 -19.70 31.04 0.72
N GLN D 3 -18.69 31.75 0.22
CA GLN D 3 -18.87 33.12 -0.21
C GLN D 3 -17.88 33.42 -1.33
N LEU D 4 -18.38 34.02 -2.40
CA LEU D 4 -17.55 34.46 -3.52
C LEU D 4 -17.86 35.92 -3.80
N VAL D 5 -16.83 36.77 -3.72
CA VAL D 5 -16.97 38.20 -3.98
C VAL D 5 -16.02 38.56 -5.11
N GLU D 6 -16.56 39.05 -6.22
CA GLU D 6 -15.77 39.45 -7.37
C GLU D 6 -15.95 40.94 -7.65
N SER D 7 -14.86 41.57 -8.08
CA SER D 7 -14.84 43.01 -8.35
C SER D 7 -14.03 43.24 -9.62
N GLY D 8 -13.93 44.51 -10.00
CA GLY D 8 -13.21 44.90 -11.20
C GLY D 8 -14.09 45.39 -12.34
N GLY D 9 -15.39 45.54 -12.12
CA GLY D 9 -16.25 46.05 -13.17
C GLY D 9 -16.12 47.55 -13.36
N GLY D 10 -16.52 48.00 -14.55
CA GLY D 10 -16.43 49.40 -14.88
C GLY D 10 -16.73 49.63 -16.34
N LEU D 11 -16.48 50.86 -16.78
CA LEU D 11 -16.69 51.26 -18.17
C LEU D 11 -15.34 51.31 -18.88
N VAL D 12 -15.27 50.70 -20.05
CA VAL D 12 -14.06 50.68 -20.86
C VAL D 12 -14.42 51.02 -22.30
N GLN D 13 -13.62 51.87 -22.93
CA GLN D 13 -13.85 52.22 -24.31
C GLN D 13 -13.54 51.04 -25.22
N PRO D 14 -14.12 51.00 -26.42
CA PRO D 14 -13.84 49.87 -27.32
C PRO D 14 -12.36 49.74 -27.60
N GLY D 15 -11.90 48.48 -27.63
CA GLY D 15 -10.49 48.21 -27.81
C GLY D 15 -9.64 48.35 -26.56
N GLY D 16 -10.25 48.61 -25.42
CA GLY D 16 -9.51 48.75 -24.18
C GLY D 16 -9.27 47.43 -23.51
N SER D 17 -8.58 47.51 -22.36
CA SER D 17 -8.25 46.33 -21.56
C SER D 17 -8.63 46.58 -20.11
N ARG D 18 -9.21 45.56 -19.48
CA ARG D 18 -9.61 45.64 -18.08
C ARG D 18 -9.47 44.27 -17.47
N LYS D 19 -9.20 44.24 -16.15
CA LYS D 19 -8.93 43.01 -15.43
C LYS D 19 -9.98 42.80 -14.35
N LEU D 20 -10.56 41.61 -14.31
CA LEU D 20 -11.55 41.22 -13.31
C LEU D 20 -10.90 40.37 -12.23
N SER D 21 -11.52 40.39 -11.05
CA SER D 21 -11.03 39.63 -9.90
C SER D 21 -12.19 38.90 -9.24
N CYS D 22 -11.86 37.78 -8.59
CA CYS D 22 -12.85 36.96 -7.91
C CYS D 22 -12.18 36.32 -6.71
N SER D 23 -12.50 36.82 -5.51
CA SER D 23 -11.91 36.32 -4.27
C SER D 23 -12.91 35.40 -3.58
N ALA D 24 -12.42 34.24 -3.13
CA ALA D 24 -13.24 33.25 -2.46
C ALA D 24 -12.86 33.14 -0.99
N SER D 25 -13.83 32.74 -0.17
CA SER D 25 -13.62 32.55 1.25
C SER D 25 -14.64 31.55 1.79
N GLY D 26 -14.32 30.97 2.94
CA GLY D 26 -15.21 30.04 3.59
C GLY D 26 -15.14 28.62 3.12
N PHE D 27 -14.25 28.30 2.18
CA PHE D 27 -14.12 26.94 1.67
C PHE D 27 -12.75 26.78 1.02
N ALA D 28 -12.41 25.54 0.71
CA ALA D 28 -11.13 25.24 0.08
C ALA D 28 -11.14 25.67 -1.38
N PHE D 29 -10.67 26.89 -1.64
CA PHE D 29 -10.69 27.41 -3.01
C PHE D 29 -9.79 26.59 -3.93
N SER D 30 -8.68 26.08 -3.40
CA SER D 30 -7.74 25.33 -4.23
C SER D 30 -8.35 24.04 -4.79
N SER D 31 -9.37 23.50 -4.14
CA SER D 31 -9.95 22.22 -4.55
C SER D 31 -11.12 22.37 -5.53
N PHE D 32 -11.52 23.60 -5.86
CA PHE D 32 -12.66 23.84 -6.74
C PHE D 32 -12.17 24.50 -8.02
N GLY D 33 -12.58 23.94 -9.15
CA GLY D 33 -12.36 24.59 -10.43
C GLY D 33 -13.32 25.76 -10.61
N MET D 34 -12.83 26.82 -11.24
CA MET D 34 -13.58 28.06 -11.40
C MET D 34 -14.01 28.23 -12.85
N HIS D 35 -15.23 28.72 -13.04
CA HIS D 35 -15.78 28.99 -14.36
C HIS D 35 -16.27 30.43 -14.43
N TRP D 36 -16.17 31.02 -15.60
CA TRP D 36 -16.67 32.37 -15.86
C TRP D 36 -17.91 32.28 -16.73
N VAL D 37 -19.02 32.82 -16.24
CA VAL D 37 -20.28 32.86 -16.97
C VAL D 37 -20.78 34.29 -16.97
N ARG D 38 -21.10 34.81 -18.16
CA ARG D 38 -21.53 36.18 -18.33
C ARG D 38 -22.96 36.22 -18.87
N GLN D 39 -23.70 37.26 -18.48
CA GLN D 39 -25.06 37.47 -18.96
C GLN D 39 -25.18 38.89 -19.48
N ALA D 40 -25.67 39.02 -20.72
CA ALA D 40 -25.90 40.33 -21.30
C ALA D 40 -27.13 40.97 -20.65
N PRO D 41 -27.33 42.27 -20.84
CA PRO D 41 -28.43 42.95 -20.14
C PRO D 41 -29.78 42.31 -20.40
N GLU D 42 -30.01 41.75 -21.58
CA GLU D 42 -31.30 41.14 -21.91
C GLU D 42 -31.09 39.80 -22.63
N LYS D 43 -30.18 38.98 -22.10
CA LYS D 43 -29.92 37.66 -22.67
C LYS D 43 -29.65 36.68 -21.53
N GLY D 44 -29.42 35.41 -21.91
CA GLY D 44 -29.15 34.36 -20.95
C GLY D 44 -27.68 34.21 -20.64
N LEU D 45 -27.36 33.11 -19.96
CA LEU D 45 -25.99 32.82 -19.57
C LEU D 45 -25.14 32.44 -20.77
N GLU D 46 -23.82 32.63 -20.63
CA GLU D 46 -22.87 32.28 -21.68
C GLU D 46 -21.55 31.92 -21.02
N TRP D 47 -21.04 30.73 -21.31
CA TRP D 47 -19.75 30.32 -20.76
C TRP D 47 -18.63 31.15 -21.34
N VAL D 48 -17.62 31.44 -20.51
CA VAL D 48 -16.50 32.29 -20.88
C VAL D 48 -15.18 31.53 -20.80
N ALA D 49 -14.82 31.05 -19.60
CA ALA D 49 -13.54 30.37 -19.40
C ALA D 49 -13.66 29.45 -18.21
N TYR D 50 -12.65 28.57 -18.08
CA TYR D 50 -12.59 27.62 -16.99
C TYR D 50 -11.14 27.32 -16.65
N ILE D 51 -10.84 27.27 -15.35
CA ILE D 51 -9.53 26.89 -14.85
C ILE D 51 -9.72 25.79 -13.82
N SER D 52 -8.98 24.69 -13.98
CA SER D 52 -9.15 23.54 -13.10
C SER D 52 -8.60 23.84 -11.71
N SER D 53 -8.76 22.87 -10.80
CA SER D 53 -8.24 23.04 -9.45
C SER D 53 -6.73 23.20 -9.47
N GLY D 54 -6.04 22.38 -10.25
CA GLY D 54 -4.60 22.46 -10.39
C GLY D 54 -4.12 23.36 -11.49
N SER D 55 -5.02 24.10 -12.14
CA SER D 55 -4.67 25.02 -13.22
C SER D 55 -4.06 24.30 -14.43
N GLY D 56 -4.24 22.99 -14.52
CA GLY D 56 -3.68 22.23 -15.62
C GLY D 56 -4.49 22.39 -16.90
N THR D 57 -5.77 22.03 -16.84
CA THR D 57 -6.65 22.11 -18.00
C THR D 57 -7.37 23.45 -18.01
N ILE D 58 -7.24 24.17 -19.12
CA ILE D 58 -7.85 25.48 -19.30
C ILE D 58 -8.56 25.51 -20.64
N TYR D 59 -9.78 26.04 -20.65
CA TYR D 59 -10.59 26.14 -21.86
C TYR D 59 -11.18 27.54 -21.95
N TYR D 60 -11.45 27.97 -23.18
CA TYR D 60 -12.01 29.29 -23.43
C TYR D 60 -13.10 29.19 -24.48
N ALA D 61 -14.04 30.14 -24.43
CA ALA D 61 -15.08 30.21 -25.43
C ALA D 61 -14.54 30.81 -26.71
N ASP D 62 -15.08 30.35 -27.85
CA ASP D 62 -14.58 30.82 -29.13
C ASP D 62 -14.83 32.30 -29.33
N THR D 63 -15.95 32.81 -28.83
CA THR D 63 -16.27 34.23 -28.97
C THR D 63 -15.23 35.12 -28.28
N VAL D 64 -14.51 34.58 -27.30
CA VAL D 64 -13.51 35.35 -26.58
C VAL D 64 -12.17 34.62 -26.63
N LYS D 65 -12.03 33.67 -27.56
CA LYS D 65 -10.80 32.92 -27.68
C LYS D 65 -9.62 33.87 -27.89
N GLY D 66 -8.55 33.66 -27.15
CA GLY D 66 -7.39 34.53 -27.25
C GLY D 66 -7.47 35.81 -26.45
N ARG D 67 -8.56 36.56 -26.62
CA ARG D 67 -8.70 37.83 -25.90
C ARG D 67 -8.73 37.62 -24.40
N PHE D 68 -9.43 36.60 -23.93
CA PHE D 68 -9.55 36.32 -22.50
C PHE D 68 -8.54 35.24 -22.11
N THR D 69 -7.83 35.50 -21.02
CA THR D 69 -6.91 34.55 -20.42
C THR D 69 -7.21 34.48 -18.92
N ILE D 70 -7.14 33.27 -18.37
CA ILE D 70 -7.59 33.00 -17.01
C ILE D 70 -6.38 32.65 -16.16
N SER D 71 -6.27 33.31 -15.00
CA SER D 71 -5.20 33.05 -14.05
C SER D 71 -5.78 33.07 -12.65
N ARG D 72 -5.12 32.34 -11.75
CA ARG D 72 -5.56 32.25 -10.36
C ARG D 72 -4.35 32.20 -9.46
N ASP D 73 -4.56 32.60 -8.20
CA ASP D 73 -3.53 32.56 -7.17
C ASP D 73 -4.09 31.77 -5.99
N ASP D 74 -3.87 30.45 -6.01
CA ASP D 74 -4.33 29.62 -4.91
C ASP D 74 -3.81 30.09 -3.57
N PRO D 75 -2.54 30.48 -3.41
CA PRO D 75 -2.12 31.03 -2.11
C PRO D 75 -2.96 32.21 -1.66
N LYS D 76 -3.36 33.07 -2.59
CA LYS D 76 -4.17 34.24 -2.28
C LYS D 76 -5.67 33.99 -2.41
N ASN D 77 -6.07 32.77 -2.75
CA ASN D 77 -7.48 32.42 -2.90
C ASN D 77 -8.21 33.43 -3.81
N THR D 78 -7.54 33.79 -4.90
CA THR D 78 -8.06 34.75 -5.85
C THR D 78 -8.08 34.14 -7.24
N LEU D 79 -9.14 34.45 -8.00
CA LEU D 79 -9.29 34.02 -9.38
C LEU D 79 -9.43 35.26 -10.25
N PHE D 80 -8.60 35.36 -11.28
CA PHE D 80 -8.53 36.56 -12.11
C PHE D 80 -9.06 36.26 -13.50
N LEU D 81 -9.43 37.33 -14.21
CA LEU D 81 -9.78 37.26 -15.62
C LEU D 81 -9.21 38.50 -16.30
N GLN D 82 -8.16 38.30 -17.09
CA GLN D 82 -7.50 39.39 -17.80
C GLN D 82 -8.07 39.45 -19.22
N MET D 83 -8.53 40.63 -19.62
CA MET D 83 -9.18 40.84 -20.90
C MET D 83 -8.49 41.95 -21.65
N THR D 84 -8.33 41.76 -22.96
CA THR D 84 -7.68 42.73 -23.84
C THR D 84 -8.49 42.86 -25.12
N SER D 85 -8.35 44.01 -25.79
CA SER D 85 -9.06 44.29 -27.03
C SER D 85 -10.57 44.10 -26.84
N LEU D 86 -11.09 44.65 -25.74
CA LEU D 86 -12.51 44.49 -25.43
C LEU D 86 -13.37 45.10 -26.54
N ARG D 87 -14.29 44.30 -27.06
CA ARG D 87 -15.21 44.75 -28.09
C ARG D 87 -16.56 45.13 -27.49
N SER D 88 -17.47 45.59 -28.34
CA SER D 88 -18.79 45.99 -27.88
C SER D 88 -19.56 44.79 -27.32
N GLU D 89 -19.46 43.63 -27.97
CA GLU D 89 -20.21 42.47 -27.54
C GLU D 89 -19.84 42.01 -26.14
N ASP D 90 -18.63 42.34 -25.67
CA ASP D 90 -18.15 41.86 -24.38
C ASP D 90 -18.91 42.44 -23.20
N THR D 91 -19.73 43.48 -23.42
CA THR D 91 -20.47 44.08 -22.32
C THR D 91 -21.44 43.06 -21.71
N ALA D 92 -21.26 42.77 -20.42
CA ALA D 92 -22.10 41.81 -19.72
C ALA D 92 -21.69 41.78 -18.26
N MET D 93 -22.53 41.15 -17.44
CA MET D 93 -22.24 40.95 -16.03
C MET D 93 -21.57 39.60 -15.86
N TYR D 94 -20.36 39.60 -15.28
CA TYR D 94 -19.54 38.41 -15.18
C TYR D 94 -19.68 37.78 -13.81
N TYR D 95 -19.94 36.48 -13.77
CA TYR D 95 -20.04 35.71 -12.54
C TYR D 95 -18.98 34.62 -12.55
N CYS D 96 -18.24 34.50 -11.45
CA CYS D 96 -17.30 33.40 -11.27
C CYS D 96 -18.00 32.29 -10.48
N VAL D 97 -17.94 31.07 -11.01
CA VAL D 97 -18.64 29.92 -10.46
C VAL D 97 -17.64 28.83 -10.16
N ARG D 98 -17.71 28.28 -8.95
CA ARG D 98 -16.82 27.20 -8.54
C ARG D 98 -17.36 25.86 -9.02
N SER D 99 -16.46 24.88 -9.08
CA SER D 99 -16.85 23.52 -9.46
C SER D 99 -15.81 22.55 -8.93
N ILE D 100 -16.27 21.44 -8.36
CA ILE D 100 -15.43 20.34 -7.95
C ILE D 100 -15.98 19.07 -8.56
N TYR D 101 -15.11 18.30 -9.21
CA TYR D 101 -15.54 17.17 -10.04
C TYR D 101 -15.05 15.87 -9.43
N TYR D 102 -15.99 15.06 -8.94
CA TYR D 102 -15.73 13.71 -8.50
C TYR D 102 -17.06 12.97 -8.50
N TYR D 103 -17.00 11.65 -8.39
CA TYR D 103 -18.22 10.85 -8.40
C TYR D 103 -19.17 11.33 -7.33
N GLY D 104 -20.41 11.64 -7.72
CA GLY D 104 -21.40 12.15 -6.80
C GLY D 104 -21.28 13.63 -6.52
N SER D 105 -20.40 14.35 -7.23
CA SER D 105 -20.20 15.77 -6.96
C SER D 105 -21.36 16.60 -7.54
N SER D 106 -21.38 17.87 -7.16
CA SER D 106 -22.41 18.82 -7.58
C SER D 106 -21.73 20.06 -8.15
N PRO D 107 -21.26 20.02 -9.39
CA PRO D 107 -20.61 21.20 -9.97
C PRO D 107 -21.58 22.36 -10.11
N PHE D 108 -21.01 23.58 -10.09
CA PHE D 108 -21.79 24.81 -10.19
C PHE D 108 -22.76 24.95 -9.03
N ASP D 109 -22.35 24.51 -7.84
CA ASP D 109 -23.22 24.55 -6.67
C ASP D 109 -23.36 25.96 -6.09
N PHE D 110 -22.37 26.82 -6.24
CA PHE D 110 -22.39 28.16 -5.68
C PHE D 110 -22.00 29.17 -6.75
N TRP D 111 -22.73 30.29 -6.80
CA TRP D 111 -22.49 31.36 -7.75
C TRP D 111 -22.30 32.67 -7.00
N GLY D 112 -21.36 33.48 -7.46
CA GLY D 112 -21.15 34.80 -6.90
C GLY D 112 -22.16 35.80 -7.42
N GLN D 113 -22.17 36.97 -6.78
CA GLN D 113 -23.10 38.03 -7.17
C GLN D 113 -22.76 38.60 -8.54
N GLY D 114 -21.50 38.58 -8.93
CA GLY D 114 -21.06 38.99 -10.24
C GLY D 114 -20.52 40.41 -10.25
N THR D 115 -20.10 40.84 -11.44
CA THR D 115 -19.60 42.19 -11.63
C THR D 115 -20.03 42.66 -13.01
N THR D 116 -20.56 43.88 -13.08
CA THR D 116 -21.05 44.43 -14.33
C THR D 116 -19.90 45.04 -15.13
N LEU D 117 -19.85 44.72 -16.43
CA LEU D 117 -18.89 45.30 -17.35
C LEU D 117 -19.65 46.04 -18.44
N THR D 118 -19.27 47.29 -18.67
CA THR D 118 -19.89 48.12 -19.70
C THR D 118 -18.81 48.53 -20.70
N VAL D 119 -19.14 48.43 -21.98
CA VAL D 119 -18.23 48.81 -23.06
C VAL D 119 -18.90 49.94 -23.83
N SER D 120 -18.20 51.06 -23.95
CA SER D 120 -18.73 52.24 -24.65
C SER D 120 -18.90 51.95 -26.13
N SER D 135 -19.09 25.36 -35.14
CA SER D 135 -20.52 25.23 -34.89
C SER D 135 -20.86 23.84 -34.35
N ALA D 136 -19.83 23.11 -33.91
CA ALA D 136 -20.03 21.76 -33.39
C ALA D 136 -20.51 21.76 -31.95
N ASP D 137 -20.55 22.92 -31.29
CA ASP D 137 -21.03 22.98 -29.91
C ASP D 137 -22.50 22.57 -29.85
N ILE D 138 -22.89 22.00 -28.72
CA ILE D 138 -24.28 21.54 -28.56
C ILE D 138 -25.17 22.75 -28.33
N VAL D 139 -26.19 22.89 -29.17
CA VAL D 139 -27.11 24.02 -29.11
C VAL D 139 -28.33 23.61 -28.29
N MET D 140 -28.63 24.41 -27.27
CA MET D 140 -29.76 24.15 -26.38
C MET D 140 -30.97 24.97 -26.83
N THR D 141 -32.12 24.31 -26.96
CA THR D 141 -33.34 24.94 -27.42
C THR D 141 -34.33 25.02 -26.27
N GLN D 142 -34.87 26.21 -26.04
CA GLN D 142 -35.89 26.46 -25.01
C GLN D 142 -36.94 27.37 -25.64
N ALA D 143 -37.95 26.76 -26.27
CA ALA D 143 -38.95 27.54 -27.00
C ALA D 143 -39.74 28.45 -26.07
N THR D 144 -40.12 27.95 -24.89
CA THR D 144 -40.99 28.68 -23.98
C THR D 144 -40.20 29.83 -23.36
N SER D 145 -40.39 31.04 -23.89
CA SER D 145 -39.72 32.21 -23.32
C SER D 145 -40.27 32.54 -21.94
N SER D 146 -41.60 32.49 -21.77
CA SER D 146 -42.23 32.79 -20.51
C SER D 146 -43.49 31.95 -20.38
N VAL D 147 -43.88 31.67 -19.14
CA VAL D 147 -45.08 30.90 -18.84
C VAL D 147 -45.81 31.55 -17.69
N PRO D 148 -47.07 31.98 -17.84
CA PRO D 148 -47.81 32.51 -16.69
C PRO D 148 -48.18 31.38 -15.74
N VAL D 149 -47.85 31.56 -14.46
CA VAL D 149 -48.07 30.54 -13.44
C VAL D 149 -48.71 31.18 -12.23
N THR D 150 -49.34 30.34 -11.41
CA THR D 150 -50.01 30.77 -10.20
C THR D 150 -49.61 29.87 -9.04
N PRO D 151 -49.65 30.38 -7.81
CA PRO D 151 -49.26 29.55 -6.66
C PRO D 151 -50.17 28.35 -6.50
N GLY D 152 -49.59 27.24 -6.06
CA GLY D 152 -50.32 26.02 -5.81
C GLY D 152 -50.41 25.08 -7.00
N GLU D 153 -50.07 25.53 -8.19
CA GLU D 153 -50.15 24.71 -9.39
C GLU D 153 -48.78 24.13 -9.74
N SER D 154 -48.80 23.16 -10.65
CA SER D 154 -47.58 22.51 -11.13
C SER D 154 -47.35 22.90 -12.58
N VAL D 155 -46.12 23.34 -12.88
CA VAL D 155 -45.74 23.78 -14.22
C VAL D 155 -44.50 23.00 -14.64
N SER D 156 -44.48 22.56 -15.89
CA SER D 156 -43.38 21.78 -16.44
C SER D 156 -42.61 22.62 -17.45
N ILE D 157 -41.30 22.68 -17.28
CA ILE D 157 -40.41 23.38 -18.19
C ILE D 157 -39.61 22.34 -18.95
N SER D 158 -39.70 22.36 -20.27
CA SER D 158 -39.05 21.38 -21.11
C SER D 158 -38.09 22.06 -22.08
N CYS D 159 -36.98 21.39 -22.35
CA CYS D 159 -35.97 21.90 -23.27
C CYS D 159 -35.39 20.73 -24.05
N ARG D 160 -34.78 21.05 -25.19
CA ARG D 160 -34.24 20.05 -26.09
C ARG D 160 -32.79 20.38 -26.41
N SER D 161 -32.03 19.33 -26.71
CA SER D 161 -30.63 19.45 -27.07
C SER D 161 -30.41 18.85 -28.46
N SER D 162 -29.51 19.48 -29.23
CA SER D 162 -29.23 18.99 -30.57
C SER D 162 -28.62 17.59 -30.53
N LYS D 163 -27.81 17.29 -29.52
CA LYS D 163 -27.19 15.99 -29.37
C LYS D 163 -27.52 15.41 -28.01
N SER D 164 -27.65 14.10 -27.95
CA SER D 164 -27.94 13.42 -26.69
C SER D 164 -26.80 13.64 -25.71
N LEU D 165 -27.15 14.06 -24.49
CA LEU D 165 -26.16 14.28 -23.44
C LEU D 165 -25.86 13.02 -22.64
N LEU D 166 -26.54 11.92 -22.92
CA LEU D 166 -26.34 10.67 -22.19
C LEU D 166 -25.05 10.02 -22.70
N HIS D 167 -23.97 10.16 -21.92
CA HIS D 167 -22.69 9.58 -22.30
C HIS D 167 -22.70 8.08 -22.04
N SER D 168 -21.73 7.39 -22.66
CA SER D 168 -21.64 5.94 -22.52
C SER D 168 -21.43 5.50 -21.07
N ASN D 169 -20.93 6.38 -20.20
CA ASN D 169 -20.74 6.03 -18.80
C ASN D 169 -22.05 5.91 -18.04
N GLY D 170 -23.16 6.39 -18.59
CA GLY D 170 -24.45 6.31 -17.95
C GLY D 170 -24.94 7.60 -17.33
N ASN D 171 -24.19 8.70 -17.47
CA ASN D 171 -24.57 9.99 -16.90
C ASN D 171 -25.17 10.89 -17.97
N THR D 172 -26.31 11.49 -17.64
CA THR D 172 -26.96 12.50 -18.49
C THR D 172 -26.57 13.86 -17.93
N TYR D 173 -25.59 14.50 -18.58
CA TYR D 173 -25.00 15.75 -18.09
C TYR D 173 -25.92 16.91 -18.43
N LEU D 174 -26.88 17.17 -17.54
CA LEU D 174 -27.79 18.29 -17.65
C LEU D 174 -27.82 19.04 -16.33
N TYR D 175 -27.83 20.37 -16.42
CA TYR D 175 -27.87 21.23 -15.25
C TYR D 175 -28.98 22.25 -15.39
N TRP D 176 -29.70 22.48 -14.29
CA TRP D 176 -30.76 23.48 -14.24
C TRP D 176 -30.37 24.58 -13.25
N PHE D 177 -30.49 25.83 -13.69
CA PHE D 177 -30.12 26.98 -12.87
C PHE D 177 -31.31 27.93 -12.78
N LEU D 178 -31.55 28.44 -11.57
CA LEU D 178 -32.60 29.40 -11.32
C LEU D 178 -31.98 30.72 -10.88
N GLN D 179 -32.32 31.80 -11.57
CA GLN D 179 -31.77 33.13 -11.31
C GLN D 179 -32.91 34.05 -10.86
N ARG D 180 -33.02 34.25 -9.56
CA ARG D 180 -34.02 35.17 -9.03
C ARG D 180 -33.66 36.60 -9.42
N PRO D 181 -34.66 37.47 -9.57
CA PRO D 181 -34.35 38.87 -9.93
C PRO D 181 -33.47 39.52 -8.88
N GLY D 182 -32.43 40.20 -9.36
CA GLY D 182 -31.48 40.83 -8.46
C GLY D 182 -30.54 39.88 -7.75
N GLN D 183 -30.47 38.63 -8.19
CA GLN D 183 -29.65 37.62 -7.53
C GLN D 183 -29.01 36.72 -8.59
N SER D 184 -27.90 36.09 -8.22
CA SER D 184 -27.14 35.29 -9.16
C SER D 184 -27.82 33.94 -9.39
N PRO D 185 -27.49 33.27 -10.49
CA PRO D 185 -28.08 31.95 -10.74
C PRO D 185 -27.74 30.97 -9.63
N GLN D 186 -28.69 30.08 -9.34
CA GLN D 186 -28.53 29.04 -8.34
C GLN D 186 -28.89 27.71 -8.96
N LEU D 187 -28.02 26.71 -8.76
CA LEU D 187 -28.26 25.39 -9.32
C LEU D 187 -29.49 24.77 -8.68
N LEU D 188 -30.33 24.15 -9.51
CA LEU D 188 -31.50 23.41 -9.04
C LEU D 188 -31.26 21.90 -9.14
N ILE D 189 -30.90 21.41 -10.31
CA ILE D 189 -30.73 19.98 -10.56
C ILE D 189 -29.48 19.78 -11.40
N TYR D 190 -28.74 18.72 -11.10
CA TYR D 190 -27.54 18.38 -11.85
C TYR D 190 -27.62 16.91 -12.26
N ARG D 191 -27.08 16.62 -13.44
CA ARG D 191 -27.13 15.27 -14.02
C ARG D 191 -28.56 14.85 -14.35
N MET D 192 -29.46 15.83 -14.39
CA MET D 192 -30.83 15.64 -14.85
C MET D 192 -31.71 14.87 -13.86
N SER D 193 -31.12 14.36 -12.78
CA SER D 193 -31.89 13.60 -11.80
C SER D 193 -31.64 14.05 -10.37
N ASN D 194 -30.41 14.40 -10.02
CA ASN D 194 -30.07 14.68 -8.63
C ASN D 194 -30.49 16.09 -8.25
N LEU D 195 -30.97 16.23 -7.01
CA LEU D 195 -31.35 17.54 -6.47
C LEU D 195 -30.22 18.09 -5.62
N ALA D 196 -29.84 19.34 -5.85
CA ALA D 196 -28.79 19.97 -5.08
C ALA D 196 -29.23 20.19 -3.65
N SER D 197 -28.25 20.20 -2.74
CA SER D 197 -28.55 20.41 -1.32
C SER D 197 -29.07 21.83 -1.11
N GLY D 198 -29.99 21.97 -0.16
CA GLY D 198 -30.61 23.25 0.13
C GLY D 198 -31.80 23.62 -0.72
N VAL D 199 -32.13 22.80 -1.72
CA VAL D 199 -33.25 23.09 -2.61
C VAL D 199 -34.46 22.33 -2.11
N PRO D 200 -35.68 22.87 -2.24
CA PRO D 200 -36.86 22.13 -1.78
C PRO D 200 -37.00 20.80 -2.51
N ASP D 201 -37.47 19.79 -1.78
CA ASP D 201 -37.65 18.46 -2.37
C ASP D 201 -38.71 18.46 -3.46
N ARG D 202 -39.61 19.44 -3.45
CA ARG D 202 -40.67 19.51 -4.47
C ARG D 202 -40.12 19.78 -5.86
N PHE D 203 -38.85 20.18 -5.98
CA PHE D 203 -38.23 20.36 -7.28
C PHE D 203 -37.71 19.03 -7.81
N SER D 204 -38.07 18.71 -9.05
CA SER D 204 -37.65 17.46 -9.68
C SER D 204 -37.66 17.63 -11.19
N GLY D 205 -36.85 16.82 -11.86
CA GLY D 205 -36.75 16.88 -13.30
C GLY D 205 -36.44 15.51 -13.89
N SER D 206 -36.66 15.40 -15.19
CA SER D 206 -36.43 14.14 -15.90
C SER D 206 -36.22 14.45 -17.37
N GLY D 207 -35.68 13.48 -18.09
CA GLY D 207 -35.40 13.65 -19.50
C GLY D 207 -35.13 12.31 -20.15
N SER D 208 -35.22 12.31 -21.48
CA SER D 208 -35.01 11.12 -22.28
C SER D 208 -33.63 11.09 -22.95
N GLY D 209 -32.75 12.02 -22.59
CA GLY D 209 -31.44 12.14 -23.20
C GLY D 209 -31.34 13.27 -24.20
N THR D 210 -32.40 13.54 -24.96
CA THR D 210 -32.46 14.68 -25.86
C THR D 210 -33.60 15.63 -25.55
N ALA D 211 -34.69 15.15 -24.95
CA ALA D 211 -35.76 15.99 -24.44
C ALA D 211 -35.75 15.92 -22.93
N PHE D 212 -35.76 17.08 -22.28
CA PHE D 212 -35.65 17.17 -20.82
C PHE D 212 -36.84 17.96 -20.28
N THR D 213 -37.18 17.67 -19.03
CA THR D 213 -38.30 18.33 -18.37
C THR D 213 -37.95 18.59 -16.91
N LEU D 214 -38.23 19.80 -16.45
CA LEU D 214 -38.09 20.18 -15.04
C LEU D 214 -39.48 20.53 -14.53
N THR D 215 -39.89 19.86 -13.45
CA THR D 215 -41.23 20.02 -12.89
C THR D 215 -41.13 20.78 -11.56
N ILE D 216 -41.91 21.86 -11.45
CA ILE D 216 -41.97 22.64 -10.22
C ILE D 216 -43.31 22.36 -9.55
N SER D 217 -43.34 21.38 -8.66
CA SER D 217 -44.56 21.03 -7.94
C SER D 217 -44.76 21.96 -6.76
N ARG D 218 -46.01 22.35 -6.54
CA ARG D 218 -46.39 23.26 -5.45
C ARG D 218 -45.60 24.56 -5.56
N LEU D 219 -45.85 25.29 -6.64
CA LEU D 219 -45.13 26.53 -6.90
C LEU D 219 -45.34 27.51 -5.76
N GLU D 220 -44.28 28.23 -5.42
CA GLU D 220 -44.28 29.20 -4.34
C GLU D 220 -43.82 30.56 -4.86
N ALA D 221 -44.20 31.61 -4.14
CA ALA D 221 -43.83 32.96 -4.54
C ALA D 221 -42.32 33.11 -4.68
N GLU D 222 -41.55 32.31 -3.93
CA GLU D 222 -40.09 32.36 -4.04
C GLU D 222 -39.58 31.71 -5.31
N ASP D 223 -40.40 30.93 -6.00
CA ASP D 223 -39.97 30.25 -7.22
C ASP D 223 -39.96 31.16 -8.43
N VAL D 224 -40.51 32.36 -8.33
CA VAL D 224 -40.54 33.27 -9.48
C VAL D 224 -39.12 33.59 -9.92
N GLY D 225 -38.87 33.42 -11.21
CA GLY D 225 -37.55 33.70 -11.75
C GLY D 225 -37.40 33.07 -13.13
N VAL D 226 -36.16 33.00 -13.58
CA VAL D 226 -35.80 32.43 -14.86
C VAL D 226 -35.04 31.13 -14.63
N TYR D 227 -35.45 30.08 -15.33
CA TYR D 227 -34.81 28.78 -15.23
C TYR D 227 -33.90 28.59 -16.44
N TYR D 228 -32.62 28.33 -16.18
CA TYR D 228 -31.61 28.15 -17.22
C TYR D 228 -31.11 26.71 -17.22
N CYS D 229 -31.03 26.12 -18.40
CA CYS D 229 -30.53 24.76 -18.56
C CYS D 229 -29.13 24.79 -19.18
N MET D 230 -28.28 23.86 -18.73
CA MET D 230 -26.92 23.77 -19.22
C MET D 230 -26.56 22.31 -19.45
N GLN D 231 -25.67 22.08 -20.42
CA GLN D 231 -25.17 20.76 -20.74
C GLN D 231 -23.66 20.72 -20.49
N HIS D 232 -23.20 19.65 -19.84
CA HIS D 232 -21.79 19.50 -19.48
C HIS D 232 -21.14 18.33 -20.18
N LEU D 233 -21.73 17.80 -21.25
CA LEU D 233 -21.12 16.69 -21.97
C LEU D 233 -19.79 17.12 -22.59
N GLU D 234 -19.74 18.33 -23.16
CA GLU D 234 -18.56 18.85 -23.82
C GLU D 234 -18.11 20.14 -23.15
N TYR D 235 -16.81 20.37 -23.15
CA TYR D 235 -16.27 21.57 -22.51
C TYR D 235 -16.88 22.86 -23.02
N PRO D 236 -17.12 23.06 -24.33
CA PRO D 236 -17.77 24.30 -24.78
C PRO D 236 -19.22 24.37 -24.31
N LEU D 237 -19.41 24.71 -23.03
CA LEU D 237 -20.74 24.70 -22.44
C LEU D 237 -21.65 25.70 -23.15
N THR D 238 -22.92 25.33 -23.28
CA THR D 238 -23.94 26.18 -23.86
C THR D 238 -25.16 26.18 -22.97
N PHE D 239 -25.89 27.30 -22.97
CA PHE D 239 -27.05 27.49 -22.12
C PHE D 239 -28.28 27.74 -22.97
N GLY D 240 -29.44 27.36 -22.44
CA GLY D 240 -30.69 27.55 -23.13
C GLY D 240 -31.15 28.99 -23.10
N ALA D 241 -32.23 29.25 -23.85
CA ALA D 241 -32.77 30.61 -23.91
C ALA D 241 -33.29 31.07 -22.55
N GLY D 242 -33.84 30.16 -21.76
CA GLY D 242 -34.34 30.50 -20.43
C GLY D 242 -35.84 30.71 -20.40
N THR D 243 -36.50 30.12 -19.41
CA THR D 243 -37.94 30.24 -19.21
C THR D 243 -38.20 31.04 -17.95
N LYS D 244 -38.99 32.11 -18.09
CA LYS D 244 -39.27 33.02 -16.99
C LYS D 244 -40.69 32.79 -16.48
N LEU D 245 -40.81 32.49 -15.19
CA LEU D 245 -42.11 32.24 -14.57
C LEU D 245 -42.46 33.35 -13.59
N SER E 7 -14.40 -11.93 42.41
CA SER E 7 -15.13 -11.41 43.60
C SER E 7 -16.54 -12.01 43.68
N ILE E 8 -17.22 -11.74 44.80
CA ILE E 8 -18.58 -12.24 44.96
C ILE E 8 -19.50 -11.64 43.90
N ALA E 9 -19.39 -10.33 43.67
CA ALA E 9 -20.24 -9.67 42.69
C ALA E 9 -20.00 -10.23 41.30
N GLN E 10 -18.73 -10.46 40.92
CA GLN E 10 -18.44 -11.01 39.60
C GLN E 10 -19.02 -12.40 39.45
N ALA E 11 -18.90 -13.24 40.49
CA ALA E 11 -19.47 -14.58 40.43
C ALA E 11 -20.98 -14.54 40.29
N ARG E 12 -21.64 -13.66 41.05
CA ARG E 12 -23.09 -13.53 40.93
C ARG E 12 -23.49 -13.08 39.53
N LYS E 13 -22.75 -12.11 38.98
CA LYS E 13 -23.05 -11.64 37.64
C LYS E 13 -22.88 -12.74 36.61
N LEU E 14 -21.81 -13.53 36.73
CA LEU E 14 -21.58 -14.63 35.80
C LEU E 14 -22.70 -15.67 35.89
N VAL E 15 -23.09 -16.03 37.11
CA VAL E 15 -24.15 -17.01 37.28
C VAL E 15 -25.47 -16.48 36.71
N GLU E 16 -25.77 -15.21 36.95
CA GLU E 16 -27.00 -14.63 36.41
C GLU E 16 -26.98 -14.61 34.89
N GLN E 17 -25.84 -14.25 34.29
CA GLN E 17 -25.73 -14.22 32.84
C GLN E 17 -25.92 -15.62 32.26
N LEU E 18 -25.29 -16.63 32.88
CA LEU E 18 -25.47 -18.00 32.41
C LEU E 18 -26.91 -18.44 32.55
N LYS E 19 -27.56 -18.10 33.66
CA LYS E 19 -28.95 -18.50 33.85
C LYS E 19 -29.86 -17.86 32.81
N MET E 20 -29.66 -16.57 32.53
CA MET E 20 -30.47 -15.90 31.54
C MET E 20 -30.31 -16.52 30.16
N GLU E 21 -29.06 -16.80 29.77
CA GLU E 21 -28.80 -17.35 28.44
C GLU E 21 -29.17 -18.83 28.34
N ALA E 22 -29.03 -19.57 29.44
CA ALA E 22 -29.29 -21.01 29.39
C ALA E 22 -30.73 -21.32 29.03
N ASN E 23 -31.66 -20.43 29.38
CA ASN E 23 -33.08 -20.67 29.17
C ASN E 23 -33.56 -20.22 27.80
N ILE E 24 -32.69 -19.69 26.94
CA ILE E 24 -33.11 -19.22 25.64
C ILE E 24 -33.57 -20.39 24.78
N ASP E 25 -34.57 -20.14 23.94
CA ASP E 25 -35.10 -21.17 23.06
C ASP E 25 -34.07 -21.55 22.00
N ARG E 26 -34.15 -22.80 21.53
CA ARG E 26 -33.24 -23.33 20.55
C ARG E 26 -34.00 -24.10 19.48
N ILE E 27 -33.38 -24.22 18.31
CA ILE E 27 -33.97 -24.89 17.16
C ILE E 27 -33.08 -26.08 16.81
N LYS E 28 -33.72 -27.16 16.36
CA LYS E 28 -32.97 -28.35 15.95
C LYS E 28 -31.99 -27.99 14.83
N VAL E 29 -30.77 -28.52 14.93
CA VAL E 29 -29.71 -28.15 14.01
C VAL E 29 -30.11 -28.49 12.57
N SER E 30 -30.80 -29.62 12.39
CA SER E 30 -31.19 -30.03 11.05
C SER E 30 -32.11 -29.01 10.40
N LYS E 31 -33.08 -28.49 11.17
CA LYS E 31 -34.00 -27.51 10.61
C LYS E 31 -33.27 -26.23 10.22
N ALA E 32 -32.35 -25.77 11.07
CA ALA E 32 -31.60 -24.56 10.76
C ALA E 32 -30.72 -24.75 9.53
N ALA E 33 -30.07 -25.91 9.42
CA ALA E 33 -29.24 -26.19 8.25
C ALA E 33 -30.09 -26.24 6.99
N ALA E 34 -31.27 -26.86 7.07
CA ALA E 34 -32.15 -26.91 5.91
C ALA E 34 -32.60 -25.51 5.51
N ASP E 35 -32.91 -24.67 6.49
CA ASP E 35 -33.31 -23.29 6.17
C ASP E 35 -32.17 -22.52 5.52
N LEU E 36 -30.95 -22.70 6.04
CA LEU E 36 -29.79 -22.04 5.44
C LEU E 36 -29.58 -22.51 4.01
N MET E 37 -29.71 -23.81 3.77
CA MET E 37 -29.55 -24.34 2.42
C MET E 37 -30.62 -23.79 1.49
N ALA E 38 -31.86 -23.72 1.96
CA ALA E 38 -32.93 -23.17 1.14
C ALA E 38 -32.66 -21.71 0.81
N TYR E 39 -32.19 -20.93 1.79
CA TYR E 39 -31.87 -19.54 1.54
C TYR E 39 -30.75 -19.42 0.51
N CYS E 40 -29.71 -20.24 0.63
CA CYS E 40 -28.63 -20.20 -0.36
C CYS E 40 -29.14 -20.55 -1.74
N GLU E 41 -30.01 -21.55 -1.83
CA GLU E 41 -30.58 -21.94 -3.13
C GLU E 41 -31.41 -20.81 -3.71
N ALA E 42 -32.11 -20.06 -2.86
CA ALA E 42 -33.02 -19.03 -3.36
C ALA E 42 -32.28 -17.97 -4.16
N HIS E 43 -31.12 -17.53 -3.68
CA HIS E 43 -30.37 -16.44 -4.28
C HIS E 43 -29.18 -16.92 -5.11
N ALA E 44 -29.22 -18.16 -5.60
CA ALA E 44 -28.09 -18.68 -6.36
C ALA E 44 -27.86 -17.86 -7.62
N LYS E 45 -28.93 -17.48 -8.32
CA LYS E 45 -28.79 -16.73 -9.56
C LYS E 45 -28.39 -15.28 -9.34
N GLU E 46 -28.56 -14.75 -8.12
CA GLU E 46 -28.24 -13.37 -7.80
C GLU E 46 -26.87 -13.22 -7.15
N ASP E 47 -25.95 -14.17 -7.39
CA ASP E 47 -24.62 -14.16 -6.78
C ASP E 47 -23.60 -14.08 -7.91
N PRO E 48 -23.10 -12.89 -8.24
CA PRO E 48 -22.15 -12.78 -9.36
C PRO E 48 -20.92 -13.66 -9.21
N LEU E 49 -20.39 -13.78 -7.99
CA LEU E 49 -19.20 -14.61 -7.78
C LEU E 49 -19.52 -16.08 -7.96
N LEU E 50 -20.60 -16.55 -7.32
CA LEU E 50 -20.98 -17.95 -7.44
C LEU E 50 -21.40 -18.31 -8.86
N THR E 51 -22.17 -17.43 -9.51
CA THR E 51 -22.65 -17.67 -10.87
C THR E 51 -22.20 -16.49 -11.73
N PRO E 52 -21.04 -16.59 -12.37
CA PRO E 52 -20.55 -15.46 -13.18
C PRO E 52 -21.56 -15.07 -14.25
N VAL E 53 -21.71 -13.76 -14.45
CA VAL E 53 -22.64 -13.18 -15.40
C VAL E 53 -21.89 -12.54 -16.56
N PRO E 54 -22.54 -12.38 -17.71
CA PRO E 54 -21.86 -11.80 -18.88
C PRO E 54 -20.94 -10.58 -18.72
N ALA E 55 -19.88 -10.54 -19.53
CA ALA E 55 -18.90 -9.46 -19.40
C ALA E 55 -19.53 -8.09 -19.61
N SER E 56 -20.58 -8.01 -20.44
CA SER E 56 -21.24 -6.73 -20.67
C SER E 56 -21.84 -6.19 -19.38
N GLU E 57 -22.47 -7.05 -18.59
CA GLU E 57 -23.03 -6.62 -17.31
C GLU E 57 -21.93 -6.33 -16.30
N ASN E 58 -20.84 -7.08 -16.35
CA ASN E 58 -19.73 -6.93 -15.41
C ASN E 58 -19.19 -5.50 -15.47
N PRO E 59 -19.39 -4.68 -14.44
CA PRO E 59 -18.88 -3.31 -14.49
C PRO E 59 -17.36 -3.23 -14.40
N PHE E 60 -16.70 -4.20 -13.76
CA PHE E 60 -15.25 -4.19 -13.62
C PHE E 60 -14.62 -4.94 -14.79
N ARG E 61 -14.45 -4.22 -15.89
CA ARG E 61 -13.82 -4.80 -17.08
C ARG E 61 -12.96 -3.76 -17.80
N LEU F 42 40.58 -32.68 -22.51
CA LEU F 42 40.32 -32.29 -23.92
C LEU F 42 39.57 -30.96 -23.97
N VAL F 43 39.98 -30.08 -24.88
CA VAL F 43 39.40 -28.73 -24.93
C VAL F 43 37.90 -28.76 -25.16
N PRO F 44 37.38 -29.44 -26.19
CA PRO F 44 35.92 -29.45 -26.36
C PRO F 44 35.16 -30.03 -25.18
N VAL F 45 35.72 -31.05 -24.51
CA VAL F 45 35.02 -31.64 -23.38
C VAL F 45 34.92 -30.64 -22.23
N LEU F 46 36.02 -29.93 -21.94
CA LEU F 46 36.00 -28.92 -20.89
C LEU F 46 35.07 -27.77 -21.26
N TYR F 47 35.05 -27.40 -22.54
CA TYR F 47 34.11 -26.36 -22.98
C TYR F 47 32.67 -26.80 -22.76
N LEU F 48 32.35 -28.05 -23.09
CA LEU F 48 30.99 -28.55 -22.85
C LEU F 48 30.67 -28.57 -21.36
N LEU F 49 31.64 -28.95 -20.52
CA LEU F 49 31.41 -28.93 -19.08
C LEU F 49 31.09 -27.52 -18.60
N VAL F 50 31.89 -26.54 -19.03
CA VAL F 50 31.66 -25.16 -18.62
C VAL F 50 30.30 -24.68 -19.11
N CYS F 51 29.97 -24.98 -20.36
CA CYS F 51 28.68 -24.57 -20.91
C CYS F 51 27.53 -25.17 -20.11
N ALA F 52 27.63 -26.46 -19.77
CA ALA F 52 26.57 -27.10 -19.00
C ALA F 52 26.44 -26.47 -17.62
N ALA F 53 27.56 -26.23 -16.95
CA ALA F 53 27.50 -25.63 -15.62
C ALA F 53 26.85 -24.26 -15.67
N GLY F 54 27.29 -23.42 -16.60
CA GLY F 54 26.71 -22.09 -16.72
C GLY F 54 25.24 -22.13 -17.10
N LEU F 55 24.88 -23.02 -18.02
CA LEU F 55 23.49 -23.14 -18.44
C LEU F 55 22.61 -23.55 -17.27
N GLY F 56 23.06 -24.52 -16.47
CA GLY F 56 22.30 -24.92 -15.31
C GLY F 56 22.14 -23.79 -14.31
N GLY F 57 23.24 -23.09 -14.02
CA GLY F 57 23.15 -21.98 -13.07
C GLY F 57 22.20 -20.89 -13.53
N ASN F 58 22.32 -20.48 -14.79
CA ASN F 58 21.47 -19.43 -15.32
C ASN F 58 20.00 -19.87 -15.37
N THR F 59 19.75 -21.13 -15.76
CA THR F 59 18.38 -21.62 -15.79
C THR F 59 17.78 -21.62 -14.39
N LEU F 60 18.56 -22.07 -13.39
CA LEU F 60 18.05 -22.05 -12.02
C LEU F 60 17.75 -20.63 -11.56
N VAL F 61 18.64 -19.69 -11.86
CA VAL F 61 18.43 -18.30 -11.44
C VAL F 61 17.18 -17.74 -12.09
N ILE F 62 17.02 -17.95 -13.41
CA ILE F 62 15.87 -17.41 -14.12
C ILE F 62 14.58 -18.02 -13.59
N TYR F 63 14.56 -19.30 -13.28
CA TYR F 63 13.34 -19.86 -12.68
C TYR F 63 12.92 -19.17 -11.45
N VAL F 64 13.83 -18.92 -10.55
CA VAL F 64 13.43 -18.40 -9.27
C VAL F 64 12.87 -17.04 -9.38
N VAL F 65 13.53 -16.15 -10.05
CA VAL F 65 13.10 -14.77 -10.08
C VAL F 65 11.72 -14.75 -10.60
N LEU F 66 11.50 -15.43 -11.71
CA LEU F 66 10.19 -15.42 -12.34
C LEU F 66 9.06 -16.19 -11.62
N ARG F 67 9.33 -17.26 -10.89
CA ARG F 67 8.31 -18.10 -10.25
C ARG F 67 8.28 -18.04 -8.76
N PHE F 68 9.21 -18.68 -8.09
CA PHE F 68 9.20 -18.74 -6.66
C PHE F 68 9.37 -17.35 -6.02
N ALA F 69 10.38 -16.56 -6.40
CA ALA F 69 10.62 -15.19 -5.86
C ALA F 69 9.80 -14.27 -6.70
N LYS F 70 10.25 -13.09 -7.11
CA LYS F 70 9.36 -12.25 -7.93
C LYS F 70 10.19 -11.33 -8.71
N MET F 71 9.59 -10.46 -9.51
CA MET F 71 10.35 -9.46 -10.24
C MET F 71 9.83 -8.07 -10.06
N LYS F 72 9.13 -7.82 -8.98
CA LYS F 72 8.67 -6.47 -8.71
C LYS F 72 9.86 -5.71 -8.18
N THR F 73 10.77 -6.40 -7.54
CA THR F 73 11.95 -5.78 -6.95
C THR F 73 12.96 -5.42 -8.04
N VAL F 74 13.63 -4.28 -7.84
CA VAL F 74 14.63 -3.83 -8.81
C VAL F 74 15.81 -4.80 -8.86
N THR F 75 16.25 -5.24 -7.68
CA THR F 75 17.38 -6.17 -7.63
C THR F 75 17.06 -7.45 -8.39
N ASN F 76 15.82 -7.96 -8.23
CA ASN F 76 15.42 -9.14 -8.98
C ASN F 76 15.42 -8.87 -10.47
N ILE F 77 15.00 -7.67 -10.89
CA ILE F 77 15.01 -7.32 -12.31
C ILE F 77 16.43 -7.37 -12.85
N TYR F 78 17.37 -6.75 -12.13
CA TYR F 78 18.76 -6.74 -12.59
C TYR F 78 19.33 -8.16 -12.63
N ILE F 79 19.02 -8.96 -11.61
CA ILE F 79 19.52 -10.33 -11.56
C ILE F 79 18.96 -11.14 -12.73
N LEU F 80 17.69 -10.97 -13.04
CA LEU F 80 17.08 -11.68 -14.16
C LEU F 80 17.72 -11.26 -15.48
N ASN F 81 17.94 -9.96 -15.68
CA ASN F 81 18.58 -9.51 -16.91
C ASN F 81 20.00 -10.07 -17.01
N LEU F 82 20.74 -10.07 -15.91
CA LEU F 82 22.09 -10.61 -15.94
C LEU F 82 22.09 -12.10 -16.25
N ALA F 83 21.14 -12.85 -15.67
CA ALA F 83 21.06 -14.27 -15.96
C ALA F 83 20.71 -14.53 -17.42
N VAL F 84 19.79 -13.74 -17.97
CA VAL F 84 19.44 -13.88 -19.38
C VAL F 84 20.65 -13.63 -20.26
N ALA F 85 21.39 -12.55 -19.96
CA ALA F 85 22.58 -12.25 -20.73
C ALA F 85 23.60 -13.37 -20.62
N ASP F 86 23.79 -13.91 -19.42
CA ASP F 86 24.77 -14.96 -19.22
C ASP F 86 24.40 -16.22 -20.00
N VAL F 87 23.12 -16.60 -19.98
CA VAL F 87 22.73 -17.82 -20.70
C VAL F 87 22.86 -17.61 -22.20
N LEU F 88 22.45 -16.43 -22.70
CA LEU F 88 22.60 -16.16 -24.13
C LEU F 88 24.06 -16.20 -24.55
N TYR F 89 24.95 -15.68 -23.69
CA TYR F 89 26.38 -15.79 -23.95
C TYR F 89 26.82 -17.25 -23.95
N MET F 90 26.26 -18.04 -23.01
CA MET F 90 26.65 -19.44 -22.89
C MET F 90 26.25 -20.25 -24.11
N LEU F 91 25.18 -19.84 -24.80
CA LEU F 91 24.73 -20.60 -25.97
C LEU F 91 25.81 -20.68 -27.05
N GLY F 92 26.78 -19.77 -27.04
CA GLY F 92 27.78 -19.73 -28.08
C GLY F 92 28.99 -20.62 -27.87
N LEU F 93 29.12 -21.25 -26.70
CA LEU F 93 30.30 -22.09 -26.45
C LEU F 93 30.42 -23.25 -27.43
N PRO F 94 29.39 -24.06 -27.69
CA PRO F 94 29.59 -25.22 -28.58
C PRO F 94 30.04 -24.82 -29.98
N PHE F 95 29.55 -23.70 -30.50
CA PHE F 95 29.96 -23.26 -31.82
C PHE F 95 31.47 -22.99 -31.86
N LEU F 96 31.98 -22.25 -30.88
CA LEU F 96 33.40 -21.94 -30.87
C LEU F 96 34.24 -23.19 -30.58
N ALA F 97 33.74 -24.08 -29.73
CA ALA F 97 34.45 -25.32 -29.47
C ALA F 97 34.58 -26.15 -30.73
N THR F 98 33.50 -26.26 -31.51
CA THR F 98 33.57 -26.96 -32.79
C THR F 98 34.53 -26.26 -33.74
N GLN F 99 34.46 -24.93 -33.80
CA GLN F 99 35.32 -24.16 -34.70
C GLN F 99 36.80 -24.32 -34.38
N ASN F 100 37.17 -24.45 -33.11
CA ASN F 100 38.56 -24.57 -32.73
C ASN F 100 39.07 -26.00 -32.66
N ALA F 101 38.21 -26.97 -32.37
CA ALA F 101 38.67 -28.36 -32.34
C ALA F 101 39.25 -28.75 -33.69
N ALA F 102 38.58 -28.39 -34.77
CA ALA F 102 39.09 -28.54 -36.12
C ALA F 102 39.05 -27.18 -36.79
N SER F 103 40.10 -26.86 -37.55
CA SER F 103 40.21 -25.55 -38.18
C SER F 103 39.23 -25.43 -39.34
N PHE F 104 37.94 -25.38 -39.03
CA PHE F 104 36.90 -25.27 -40.05
C PHE F 104 35.62 -24.81 -39.39
N TRP F 105 34.70 -24.29 -40.23
CA TRP F 105 33.44 -23.73 -39.77
C TRP F 105 32.31 -24.41 -40.54
N PRO F 106 31.87 -25.59 -40.11
CA PRO F 106 30.83 -26.31 -40.86
C PRO F 106 29.50 -25.57 -40.93
N PHE F 107 29.24 -24.62 -40.03
CA PHE F 107 27.92 -24.02 -39.91
C PHE F 107 27.56 -23.13 -41.09
N GLY F 108 28.52 -22.75 -41.93
CA GLY F 108 28.25 -21.94 -43.09
C GLY F 108 28.23 -20.46 -42.76
N PRO F 109 28.00 -19.62 -43.78
CA PRO F 109 28.05 -18.17 -43.55
C PRO F 109 26.87 -17.62 -42.78
N VAL F 110 25.69 -18.24 -42.89
CA VAL F 110 24.51 -17.69 -42.24
C VAL F 110 24.70 -17.63 -40.72
N LEU F 111 25.11 -18.75 -40.13
CA LEU F 111 25.37 -18.77 -38.70
C LEU F 111 26.68 -18.07 -38.34
N CYS F 112 27.58 -17.92 -39.31
CA CYS F 112 28.86 -17.26 -39.06
C CYS F 112 28.67 -15.87 -38.47
N ARG F 113 27.80 -15.07 -39.09
CA ARG F 113 27.52 -13.73 -38.56
C ARG F 113 26.71 -13.79 -37.28
N LEU F 114 25.67 -14.63 -37.26
CA LEU F 114 24.70 -14.61 -36.17
C LEU F 114 25.35 -15.01 -34.85
N VAL F 115 26.13 -16.10 -34.86
CA VAL F 115 26.73 -16.56 -33.61
C VAL F 115 27.69 -15.51 -33.05
N MET F 116 28.51 -14.92 -33.92
CA MET F 116 29.49 -13.93 -33.45
C MET F 116 28.78 -12.70 -32.90
N THR F 117 27.77 -12.20 -33.61
CA THR F 117 27.07 -11.00 -33.13
C THR F 117 26.33 -11.29 -31.84
N LEU F 118 25.69 -12.46 -31.73
CA LEU F 118 25.03 -12.82 -30.48
C LEU F 118 26.02 -12.89 -29.33
N ASP F 119 27.18 -13.50 -29.55
CA ASP F 119 28.19 -13.60 -28.51
C ASP F 119 28.65 -12.21 -28.06
N GLY F 120 28.92 -11.33 -29.03
CA GLY F 120 29.35 -9.98 -28.68
C GLY F 120 28.29 -9.22 -27.91
N VAL F 121 27.04 -9.30 -28.37
CA VAL F 121 25.95 -8.62 -27.68
C VAL F 121 25.80 -9.13 -26.26
N ASN F 122 25.87 -10.45 -26.08
CA ASN F 122 25.70 -11.02 -24.75
C ASN F 122 26.84 -10.60 -23.83
N GLN F 123 28.08 -10.61 -24.33
CA GLN F 123 29.20 -10.16 -23.52
C GLN F 123 29.02 -8.71 -23.09
N PHE F 124 28.73 -7.83 -24.06
CA PHE F 124 28.59 -6.41 -23.74
C PHE F 124 27.47 -6.17 -22.76
N THR F 125 26.31 -6.81 -22.99
CA THR F 125 25.17 -6.56 -22.12
C THR F 125 25.35 -7.18 -20.73
N SER F 126 26.11 -8.28 -20.63
CA SER F 126 26.42 -8.81 -19.31
C SER F 126 27.33 -7.86 -18.54
N VAL F 127 28.34 -7.30 -19.21
CA VAL F 127 29.19 -6.31 -18.54
C VAL F 127 28.36 -5.11 -18.12
N PHE F 128 27.46 -4.66 -18.99
CA PHE F 128 26.61 -3.52 -18.67
C PHE F 128 25.67 -3.83 -17.50
N CYS F 129 25.16 -5.06 -17.45
CA CYS F 129 24.30 -5.46 -16.33
C CYS F 129 25.08 -5.47 -15.03
N LEU F 130 26.32 -5.97 -15.04
CA LEU F 130 27.14 -5.92 -13.84
C LEU F 130 27.37 -4.48 -13.40
N THR F 131 27.69 -3.59 -14.35
CA THR F 131 27.89 -2.19 -14.01
C THR F 131 26.62 -1.56 -13.45
N VAL F 132 25.46 -1.88 -14.04
CA VAL F 132 24.20 -1.34 -13.55
C VAL F 132 23.91 -1.85 -12.15
N MET F 133 24.22 -3.12 -11.88
CA MET F 133 24.04 -3.66 -10.54
C MET F 133 24.91 -2.92 -9.54
N SER F 134 26.17 -2.68 -9.90
CA SER F 134 27.07 -1.95 -9.02
C SER F 134 26.57 -0.53 -8.77
N VAL F 135 26.10 0.14 -9.82
CA VAL F 135 25.59 1.51 -9.66
C VAL F 135 24.37 1.53 -8.77
N ASP F 136 23.45 0.58 -8.97
CA ASP F 136 22.26 0.51 -8.15
C ASP F 136 22.61 0.25 -6.69
N ARG F 137 23.54 -0.66 -6.45
CA ARG F 137 23.97 -0.92 -5.08
C ARG F 137 24.57 0.33 -4.45
N TYR F 138 25.42 1.05 -5.18
CA TYR F 138 26.00 2.28 -4.65
C TYR F 138 24.93 3.31 -4.33
N LEU F 139 23.97 3.50 -5.23
CA LEU F 139 22.92 4.47 -4.99
C LEU F 139 22.08 4.09 -3.78
N ALA F 140 21.74 2.80 -3.65
CA ALA F 140 20.92 2.37 -2.53
C ALA F 140 21.66 2.51 -1.21
N VAL F 141 22.94 2.14 -1.18
CA VAL F 141 23.67 2.09 0.09
C VAL F 141 24.10 3.50 0.52
N VAL F 142 24.74 4.24 -0.38
CA VAL F 142 25.29 5.54 -0.02
C VAL F 142 24.25 6.65 -0.14
N HIS F 143 23.27 6.52 -1.05
CA HIS F 143 22.25 7.53 -1.26
C HIS F 143 20.87 6.89 -1.18
N PRO F 144 20.51 6.34 -0.01
CA PRO F 144 19.21 5.66 0.10
C PRO F 144 18.03 6.57 -0.15
N LEU F 145 18.13 7.85 0.21
CA LEU F 145 17.03 8.79 0.06
C LEU F 145 17.08 9.53 -1.28
N SER F 146 18.26 10.05 -1.64
CA SER F 146 18.39 10.78 -2.89
C SER F 146 18.17 9.91 -4.11
N SER F 147 18.26 8.59 -3.96
CA SER F 147 18.10 7.66 -5.07
C SER F 147 16.69 7.12 -5.19
N ALA F 148 15.72 7.72 -4.50
CA ALA F 148 14.35 7.23 -4.56
C ALA F 148 13.79 7.31 -5.98
N ARG F 149 14.12 8.36 -6.73
CA ARG F 149 13.62 8.49 -8.09
C ARG F 149 14.17 7.40 -8.99
N TRP F 150 15.45 7.05 -8.82
CA TRP F 150 16.12 6.14 -9.74
C TRP F 150 15.85 4.66 -9.43
N ARG F 151 15.60 4.33 -8.17
CA ARG F 151 15.40 2.93 -7.77
C ARG F 151 13.92 2.56 -7.86
N ARG F 152 13.44 2.47 -9.10
CA ARG F 152 12.08 2.04 -9.39
C ARG F 152 12.10 1.01 -10.51
N PRO F 153 11.08 0.15 -10.58
CA PRO F 153 11.09 -0.90 -11.62
C PRO F 153 11.18 -0.33 -13.04
N ARG F 154 10.48 0.77 -13.30
CA ARG F 154 10.54 1.36 -14.64
C ARG F 154 11.94 1.81 -14.99
N VAL F 155 12.63 2.44 -14.02
CA VAL F 155 13.99 2.90 -14.27
C VAL F 155 14.93 1.71 -14.48
N ALA F 156 14.73 0.65 -13.72
CA ALA F 156 15.55 -0.56 -13.90
C ALA F 156 15.36 -1.15 -15.29
N LYS F 157 14.11 -1.25 -15.73
CA LYS F 157 13.84 -1.79 -17.07
C LYS F 157 14.41 -0.87 -18.13
N LEU F 158 14.32 0.45 -17.94
CA LEU F 158 14.91 1.39 -18.88
C LEU F 158 16.43 1.21 -18.96
N ALA F 159 17.07 1.03 -17.81
CA ALA F 159 18.51 0.82 -17.80
C ALA F 159 18.87 -0.47 -18.52
N SER F 160 18.10 -1.54 -18.29
CA SER F 160 18.37 -2.79 -18.99
C SER F 160 18.21 -2.63 -20.49
N ALA F 161 17.16 -1.94 -20.92
CA ALA F 161 16.94 -1.71 -22.35
C ALA F 161 18.07 -0.88 -22.95
N ALA F 162 18.53 0.14 -22.22
CA ALA F 162 19.65 0.94 -22.71
C ALA F 162 20.91 0.11 -22.84
N ALA F 163 21.17 -0.76 -21.86
CA ALA F 163 22.33 -1.64 -21.94
C ALA F 163 22.23 -2.56 -23.15
N TRP F 164 21.04 -3.12 -23.39
CA TRP F 164 20.85 -4.00 -24.53
C TRP F 164 21.06 -3.25 -25.85
N VAL F 165 20.53 -2.03 -25.95
CA VAL F 165 20.71 -1.23 -27.15
C VAL F 165 22.20 -0.94 -27.37
N LEU F 166 22.91 -0.62 -26.29
CA LEU F 166 24.33 -0.35 -26.39
C LEU F 166 25.10 -1.59 -26.86
N SER F 167 24.72 -2.76 -26.34
CA SER F 167 25.35 -4.00 -26.78
C SER F 167 25.10 -4.24 -28.26
N LEU F 168 23.87 -4.02 -28.71
CA LEU F 168 23.56 -4.18 -30.13
C LEU F 168 24.41 -3.24 -30.97
N CYS F 169 24.50 -1.97 -30.55
CA CYS F 169 25.28 -1.00 -31.31
C CYS F 169 26.75 -1.40 -31.38
N MET F 170 27.31 -1.86 -30.25
CA MET F 170 28.72 -2.23 -30.24
C MET F 170 28.97 -3.51 -31.03
N SER F 171 27.98 -4.39 -31.12
CA SER F 171 28.12 -5.61 -31.91
C SER F 171 27.82 -5.42 -33.39
N LEU F 172 27.21 -4.30 -33.77
CA LEU F 172 26.93 -4.05 -35.19
C LEU F 172 28.15 -4.22 -36.09
N PRO F 173 29.33 -3.69 -35.78
CA PRO F 173 30.46 -3.85 -36.70
C PRO F 173 30.79 -5.29 -37.02
N LEU F 174 30.74 -6.19 -36.04
CA LEU F 174 31.02 -7.60 -36.27
C LEU F 174 29.97 -8.19 -37.20
N LEU F 175 28.71 -7.82 -36.99
CA LEU F 175 27.61 -8.32 -37.80
C LEU F 175 27.78 -7.87 -39.26
N VAL F 176 28.19 -6.63 -39.45
CA VAL F 176 28.28 -6.06 -40.80
C VAL F 176 29.66 -6.33 -41.39
N PHE F 177 30.70 -5.87 -40.71
CA PHE F 177 32.06 -5.85 -41.27
C PHE F 177 32.89 -7.04 -40.81
N ALA F 178 32.29 -8.21 -40.62
CA ALA F 178 33.04 -9.38 -40.18
C ALA F 178 32.22 -10.63 -40.45
N ASP F 179 32.85 -11.79 -40.18
CA ASP F 179 32.18 -13.08 -40.17
C ASP F 179 31.82 -13.54 -41.60
N VAL F 180 32.76 -13.34 -42.53
CA VAL F 180 32.63 -13.93 -43.87
C VAL F 180 33.21 -15.34 -43.93
N GLN F 181 34.00 -15.73 -42.93
CA GLN F 181 34.59 -17.06 -42.82
C GLN F 181 35.76 -17.25 -43.78
N GLU F 182 35.94 -16.34 -44.74
CA GLU F 182 37.09 -16.37 -45.64
C GLU F 182 37.37 -17.77 -46.16
N GLY F 183 36.34 -18.61 -46.22
CA GLY F 183 36.51 -20.01 -46.55
C GLY F 183 37.11 -20.82 -45.42
N GLY F 184 37.55 -20.14 -44.36
CA GLY F 184 38.19 -20.79 -43.23
C GLY F 184 37.38 -20.69 -41.95
N THR F 185 37.78 -19.80 -41.03
CA THR F 185 37.14 -19.67 -39.76
C THR F 185 36.53 -18.27 -39.64
N CYS F 186 35.48 -18.07 -38.86
CA CYS F 186 34.72 -16.83 -38.74
C CYS F 186 35.54 -15.79 -37.99
N ASN F 187 36.08 -14.82 -38.72
CA ASN F 187 36.88 -13.75 -38.16
C ASN F 187 36.64 -12.49 -38.96
N ALA F 188 37.05 -11.35 -38.40
CA ALA F 188 36.78 -10.07 -39.02
C ALA F 188 37.49 -9.94 -40.37
N SER F 189 36.83 -9.27 -41.31
CA SER F 189 37.39 -8.95 -42.63
C SER F 189 37.10 -7.47 -42.88
N TRP F 190 38.03 -6.62 -42.45
CA TRP F 190 37.86 -5.17 -42.53
C TRP F 190 38.23 -4.67 -43.92
N PRO F 191 38.03 -3.37 -44.19
CA PRO F 191 38.47 -2.81 -45.48
C PRO F 191 39.97 -2.90 -45.67
N GLU F 192 40.47 -2.39 -46.79
CA GLU F 192 41.87 -2.57 -47.13
C GLU F 192 42.82 -2.22 -45.99
N PRO F 193 42.64 -1.13 -45.24
CA PRO F 193 43.46 -0.94 -44.04
C PRO F 193 43.05 -1.89 -42.92
N VAL F 194 43.31 -3.18 -43.12
CA VAL F 194 42.88 -4.19 -42.16
C VAL F 194 43.54 -3.96 -40.80
N GLY F 195 44.82 -3.59 -40.81
CA GLY F 195 45.51 -3.40 -39.54
C GLY F 195 44.90 -2.33 -38.67
N LEU F 196 44.55 -1.19 -39.25
CA LEU F 196 44.02 -0.07 -38.46
C LEU F 196 42.60 -0.37 -37.98
N TRP F 197 41.74 -0.87 -38.87
CA TRP F 197 40.36 -1.11 -38.48
C TRP F 197 40.27 -2.11 -37.33
N GLY F 198 40.94 -3.26 -37.47
CA GLY F 198 40.89 -4.25 -36.42
C GLY F 198 41.48 -3.74 -35.11
N ALA F 199 42.57 -2.98 -35.19
CA ALA F 199 43.18 -2.43 -33.99
C ALA F 199 42.24 -1.49 -33.26
N VAL F 200 41.58 -0.60 -34.02
CA VAL F 200 40.64 0.34 -33.40
C VAL F 200 39.45 -0.41 -32.81
N PHE F 201 38.94 -1.40 -33.53
CA PHE F 201 37.84 -2.20 -33.00
C PHE F 201 38.23 -2.87 -31.68
N ILE F 202 39.42 -3.48 -31.64
CA ILE F 202 39.87 -4.13 -30.42
C ILE F 202 40.02 -3.11 -29.30
N ILE F 203 40.59 -1.95 -29.60
CA ILE F 203 40.79 -0.93 -28.58
C ILE F 203 39.47 -0.52 -27.96
N TYR F 204 38.49 -0.18 -28.81
CA TYR F 204 37.23 0.33 -28.29
C TYR F 204 36.44 -0.76 -27.57
N THR F 205 36.45 -1.99 -28.10
CA THR F 205 35.76 -3.09 -27.44
C THR F 205 36.38 -3.36 -26.07
N ALA F 206 37.70 -3.45 -26.01
CA ALA F 206 38.37 -3.70 -24.73
C ALA F 206 38.07 -2.59 -23.74
N VAL F 207 38.05 -1.33 -24.13
CA VAL F 207 37.67 -0.24 -23.21
C VAL F 207 36.29 -0.29 -22.60
N LEU F 208 35.26 -0.28 -23.41
CA LEU F 208 33.90 -0.25 -22.92
C LEU F 208 33.39 -1.58 -22.41
N GLY F 209 34.14 -2.66 -22.55
CA GLY F 209 33.79 -3.95 -21.99
C GLY F 209 34.65 -4.42 -20.86
N PHE F 210 35.57 -3.59 -20.37
CA PHE F 210 36.43 -3.93 -19.27
C PHE F 210 36.98 -2.78 -18.54
N PHE F 211 37.57 -1.79 -19.17
CA PHE F 211 38.21 -0.72 -18.44
C PHE F 211 37.24 0.27 -17.79
N ALA F 212 36.38 1.00 -18.48
CA ALA F 212 35.34 1.82 -17.86
C ALA F 212 34.43 0.99 -16.97
N PRO F 213 33.94 -0.19 -17.38
CA PRO F 213 33.15 -1.01 -16.45
C PRO F 213 33.90 -1.35 -15.18
N LEU F 214 35.15 -1.79 -15.28
CA LEU F 214 35.90 -2.17 -14.08
C LEU F 214 36.12 -0.96 -13.18
N LEU F 215 36.49 0.18 -13.75
CA LEU F 215 36.73 1.37 -12.94
C LEU F 215 35.46 1.79 -12.22
N VAL F 216 34.33 1.80 -12.93
CA VAL F 216 33.07 2.19 -12.30
C VAL F 216 32.70 1.22 -11.20
N ILE F 217 32.84 -0.09 -11.45
CA ILE F 217 32.48 -1.09 -10.45
C ILE F 217 33.37 -0.95 -9.23
N CYS F 218 34.68 -0.76 -9.44
CA CYS F 218 35.60 -0.62 -8.32
C CYS F 218 35.27 0.61 -7.49
N LEU F 219 35.00 1.73 -8.15
CA LEU F 219 34.64 2.94 -7.42
C LEU F 219 33.37 2.73 -6.60
N CYS F 220 32.35 2.14 -7.22
CA CYS F 220 31.08 1.95 -6.53
C CYS F 220 31.23 1.02 -5.34
N TYR F 221 31.99 -0.06 -5.49
CA TYR F 221 32.16 -1.00 -4.39
C TYR F 221 33.03 -0.41 -3.29
N LEU F 222 34.08 0.33 -3.65
CA LEU F 222 34.94 0.96 -2.66
C LEU F 222 34.18 1.99 -1.85
N LEU F 223 33.32 2.77 -2.51
CA LEU F 223 32.55 3.79 -1.79
C LEU F 223 31.59 3.15 -0.80
N ILE F 224 31.02 2.00 -1.15
CA ILE F 224 30.09 1.32 -0.25
C ILE F 224 30.80 0.89 1.03
N VAL F 225 32.00 0.32 0.91
CA VAL F 225 32.70 -0.17 2.09
C VAL F 225 33.00 0.97 3.05
N VAL F 226 33.32 2.16 2.52
CA VAL F 226 33.58 3.32 3.37
C VAL F 226 32.38 3.59 4.28
N LYS F 227 31.17 3.56 3.71
CA LYS F 227 29.97 3.80 4.50
C LYS F 227 29.81 2.73 5.59
N VAL F 228 29.97 1.46 5.21
CA VAL F 228 29.76 0.38 6.19
C VAL F 228 30.83 0.43 7.27
N ARG F 229 32.08 0.67 6.89
CA ARG F 229 33.16 0.75 7.88
C ARG F 229 32.93 1.92 8.83
N ALA F 230 32.54 3.09 8.30
CA ALA F 230 32.28 4.23 9.17
C ALA F 230 31.11 3.97 10.10
N ALA F 231 30.05 3.33 9.58
CA ALA F 231 28.90 3.01 10.42
C ALA F 231 29.30 2.06 11.55
N GLY F 232 30.09 1.04 11.23
CA GLY F 232 30.57 0.13 12.26
C GLY F 232 31.44 0.83 13.29
N VAL F 233 32.28 1.76 12.83
CA VAL F 233 33.11 2.53 13.75
C VAL F 233 32.26 3.35 14.69
N ARG F 234 31.21 3.99 14.16
CA ARG F 234 30.37 4.84 15.01
C ARG F 234 29.72 4.04 16.13
N VAL F 235 29.20 2.86 15.83
CA VAL F 235 28.55 2.03 16.84
C VAL F 235 29.60 1.50 17.82
N ARG F 240 32.56 -7.18 14.47
CA ARG F 240 32.48 -6.56 13.16
C ARG F 240 32.17 -7.59 12.08
N ARG F 241 31.18 -8.45 12.35
CA ARG F 241 30.84 -9.49 11.39
C ARG F 241 30.27 -8.90 10.11
N SER F 242 29.42 -7.87 10.23
CA SER F 242 28.82 -7.28 9.04
C SER F 242 29.87 -6.66 8.12
N GLU F 243 30.78 -5.89 8.70
CA GLU F 243 31.83 -5.27 7.89
C GLU F 243 32.72 -6.32 7.25
N ARG F 244 33.06 -7.37 8.00
CA ARG F 244 33.87 -8.45 7.44
C ARG F 244 33.16 -9.11 6.27
N LYS F 245 31.86 -9.41 6.42
CA LYS F 245 31.13 -10.05 5.34
C LYS F 245 31.07 -9.16 4.11
N VAL F 246 30.82 -7.86 4.31
CA VAL F 246 30.75 -6.95 3.18
C VAL F 246 32.09 -6.87 2.47
N THR F 247 33.18 -6.76 3.23
CA THR F 247 34.50 -6.67 2.62
C THR F 247 34.83 -7.94 1.85
N ARG F 248 34.55 -9.11 2.43
CA ARG F 248 34.84 -10.35 1.74
C ARG F 248 34.02 -10.48 0.46
N MET F 249 32.73 -10.13 0.51
CA MET F 249 31.89 -10.22 -0.68
C MET F 249 32.40 -9.28 -1.76
N VAL F 250 32.74 -8.05 -1.40
CA VAL F 250 33.22 -7.07 -2.39
C VAL F 250 34.51 -7.57 -3.02
N LEU F 251 35.45 -8.05 -2.19
CA LEU F 251 36.72 -8.52 -2.72
C LEU F 251 36.52 -9.73 -3.63
N VAL F 252 35.65 -10.66 -3.24
CA VAL F 252 35.37 -11.81 -4.09
C VAL F 252 34.84 -11.34 -5.44
N LEU F 253 33.86 -10.44 -5.42
CA LEU F 253 33.28 -9.97 -6.67
C LEU F 253 34.34 -9.35 -7.58
N VAL F 254 35.10 -8.40 -7.05
CA VAL F 254 36.04 -7.67 -7.90
C VAL F 254 37.16 -8.58 -8.37
N LEU F 255 37.70 -9.42 -7.47
CA LEU F 255 38.79 -10.31 -7.86
C LEU F 255 38.32 -11.32 -8.90
N VAL F 256 37.12 -11.87 -8.75
CA VAL F 256 36.61 -12.82 -9.73
C VAL F 256 36.46 -12.14 -11.08
N PHE F 257 35.86 -10.95 -11.10
CA PHE F 257 35.70 -10.24 -12.36
C PHE F 257 37.04 -10.02 -13.03
N ALA F 258 38.03 -9.52 -12.27
CA ALA F 258 39.34 -9.25 -12.85
C ALA F 258 39.98 -10.52 -13.37
N GLY F 259 40.05 -11.57 -12.55
CA GLY F 259 40.70 -12.79 -12.97
C GLY F 259 40.05 -13.40 -14.19
N CYS F 260 38.76 -13.27 -14.40
CA CYS F 260 38.10 -13.93 -15.51
C CYS F 260 38.22 -13.28 -16.86
N TRP F 261 37.88 -12.00 -17.04
CA TRP F 261 38.05 -11.34 -18.29
C TRP F 261 39.44 -10.77 -18.58
N LEU F 262 40.25 -10.34 -17.62
CA LEU F 262 41.51 -9.67 -17.93
C LEU F 262 42.42 -10.50 -18.73
N PRO F 263 42.57 -11.76 -18.40
CA PRO F 263 43.43 -12.51 -19.29
C PRO F 263 43.10 -12.36 -20.76
N PHE F 264 41.87 -12.27 -21.15
CA PHE F 264 41.39 -12.27 -22.54
C PHE F 264 41.78 -10.98 -23.24
N PHE F 265 41.41 -9.83 -22.64
CA PHE F 265 41.71 -8.55 -23.27
C PHE F 265 43.21 -8.27 -23.28
N THR F 266 43.94 -8.70 -22.26
CA THR F 266 45.39 -8.49 -22.26
C THR F 266 46.04 -9.26 -23.39
N VAL F 267 45.60 -10.51 -23.63
CA VAL F 267 46.14 -11.29 -24.74
C VAL F 267 45.78 -10.62 -26.07
N ASN F 268 44.56 -10.11 -26.19
CA ASN F 268 44.17 -9.43 -27.42
C ASN F 268 45.04 -8.21 -27.67
N ILE F 269 45.31 -7.42 -26.62
CA ILE F 269 46.14 -6.24 -26.78
C ILE F 269 47.57 -6.63 -27.16
N VAL F 270 48.12 -7.65 -26.49
CA VAL F 270 49.49 -8.06 -26.77
C VAL F 270 49.62 -8.59 -28.18
N ASN F 271 48.57 -9.26 -28.69
CA ASN F 271 48.59 -9.75 -30.05
C ASN F 271 48.85 -8.63 -31.05
N LEU F 272 48.19 -7.48 -30.86
CA LEU F 272 48.38 -6.36 -31.77
C LEU F 272 49.77 -5.77 -31.64
N ALA F 273 50.23 -5.57 -30.40
CA ALA F 273 51.50 -4.87 -30.17
C ALA F 273 52.67 -5.67 -30.73
N VAL F 274 52.71 -6.97 -30.47
CA VAL F 274 53.84 -7.81 -30.87
C VAL F 274 53.29 -9.11 -31.44
N ALA F 275 54.05 -9.70 -32.35
CA ALA F 275 53.67 -10.99 -32.93
C ALA F 275 53.80 -12.09 -31.89
N LEU F 276 52.72 -12.83 -31.68
CA LEU F 276 52.71 -13.91 -30.72
C LEU F 276 53.43 -15.13 -31.27
N PRO F 277 53.75 -16.11 -30.43
CA PRO F 277 54.47 -17.30 -30.91
C PRO F 277 53.77 -17.97 -32.09
N GLN F 278 54.46 -18.92 -32.71
CA GLN F 278 53.96 -19.56 -33.92
C GLN F 278 52.66 -20.31 -33.66
N GLU F 279 52.09 -20.91 -34.71
CA GLU F 279 50.80 -21.57 -34.57
C GLU F 279 50.82 -22.66 -33.50
N PRO F 280 51.80 -23.57 -33.46
CA PRO F 280 51.76 -24.66 -32.48
C PRO F 280 52.36 -24.34 -31.12
N ALA F 281 53.08 -23.22 -30.98
CA ALA F 281 53.78 -22.94 -29.73
C ALA F 281 52.82 -22.68 -28.59
N SER F 282 51.86 -21.77 -28.79
CA SER F 282 50.96 -21.34 -27.72
C SER F 282 49.52 -21.31 -28.21
N ALA F 283 49.12 -22.33 -28.97
CA ALA F 283 47.76 -22.37 -29.49
C ALA F 283 46.73 -22.51 -28.36
N GLY F 284 47.03 -23.34 -27.36
CA GLY F 284 46.05 -23.61 -26.32
C GLY F 284 45.69 -22.40 -25.48
N LEU F 285 46.64 -21.48 -25.28
CA LEU F 285 46.43 -20.38 -24.35
C LEU F 285 45.28 -19.47 -24.81
N TYR F 286 45.11 -19.32 -26.13
CA TYR F 286 44.06 -18.46 -26.63
C TYR F 286 42.68 -18.95 -26.17
N PHE F 287 42.38 -20.22 -26.43
CA PHE F 287 41.09 -20.74 -26.00
C PHE F 287 41.04 -20.94 -24.49
N PHE F 288 42.20 -21.07 -23.84
CA PHE F 288 42.21 -21.10 -22.38
C PHE F 288 41.71 -19.77 -21.81
N VAL F 289 42.20 -18.65 -22.34
CA VAL F 289 41.73 -17.35 -21.87
C VAL F 289 40.28 -17.15 -22.29
N VAL F 290 39.89 -17.68 -23.45
CA VAL F 290 38.49 -17.57 -23.88
C VAL F 290 37.57 -18.25 -22.87
N ILE F 291 37.91 -19.50 -22.50
CA ILE F 291 37.07 -20.23 -21.56
C ILE F 291 37.14 -19.59 -20.18
N LEU F 292 38.29 -19.04 -19.79
CA LEU F 292 38.37 -18.35 -18.52
C LEU F 292 37.47 -17.12 -18.50
N SER F 293 37.38 -16.41 -19.63
CA SER F 293 36.43 -15.31 -19.72
C SER F 293 35.00 -15.80 -19.60
N TYR F 294 34.67 -16.91 -20.28
CA TYR F 294 33.35 -17.51 -20.12
C TYR F 294 33.08 -17.90 -18.67
N ALA F 295 34.14 -18.20 -17.91
CA ALA F 295 33.97 -18.55 -16.51
C ALA F 295 33.33 -17.40 -15.74
N ASN F 296 33.49 -16.17 -16.22
CA ASN F 296 32.84 -15.04 -15.57
C ASN F 296 31.32 -15.19 -15.61
N SER F 297 30.76 -15.43 -16.80
CA SER F 297 29.33 -15.65 -16.91
C SER F 297 28.93 -16.93 -16.19
N CYS F 298 29.81 -17.92 -16.16
CA CYS F 298 29.51 -19.15 -15.42
C CYS F 298 29.33 -18.86 -13.93
N ALA F 299 30.18 -18.02 -13.36
CA ALA F 299 30.14 -17.74 -11.93
C ALA F 299 29.18 -16.62 -11.56
N ASN F 300 28.75 -15.82 -12.53
CA ASN F 300 27.79 -14.74 -12.25
C ASN F 300 26.53 -15.22 -11.54
N PRO F 301 25.87 -16.30 -11.95
CA PRO F 301 24.60 -16.65 -11.30
C PRO F 301 24.69 -16.85 -9.80
N VAL F 302 25.81 -17.38 -9.31
CA VAL F 302 25.93 -17.67 -7.88
C VAL F 302 26.34 -16.43 -7.09
N LEU F 303 27.23 -15.59 -7.63
CA LEU F 303 27.72 -14.45 -6.88
C LEU F 303 26.59 -13.47 -6.57
N TYR F 304 25.80 -13.11 -7.58
CA TYR F 304 24.67 -12.19 -7.39
C TYR F 304 23.37 -12.93 -7.09
N GLY F 305 23.40 -14.25 -7.06
CA GLY F 305 22.19 -15.03 -6.82
C GLY F 305 22.19 -15.70 -5.47
N PHE F 306 22.58 -16.98 -5.44
CA PHE F 306 22.48 -17.77 -4.21
C PHE F 306 23.21 -17.13 -3.04
N LEU F 307 24.30 -16.40 -3.29
CA LEU F 307 25.02 -15.78 -2.18
C LEU F 307 24.19 -14.69 -1.51
N SER F 308 23.29 -14.05 -2.25
CA SER F 308 22.41 -13.05 -1.65
C SER F 308 21.49 -13.71 -0.63
N ASP F 309 21.38 -13.09 0.55
CA ASP F 309 20.53 -13.66 1.59
C ASP F 309 19.07 -13.68 1.17
N ASN F 310 18.57 -12.67 0.50
CA ASN F 310 17.17 -12.60 0.11
C ASN F 310 16.78 -13.61 -0.94
N PHE F 311 17.61 -13.81 -1.94
CA PHE F 311 17.33 -14.76 -3.00
C PHE F 311 17.26 -16.15 -2.48
N ARG F 312 18.17 -16.49 -1.61
CA ARG F 312 18.20 -17.80 -1.05
C ARG F 312 16.94 -17.92 -0.31
N GLN F 313 16.55 -16.90 0.42
CA GLN F 313 15.36 -17.05 1.24
C GLN F 313 14.19 -17.30 0.33
N SER F 314 14.04 -16.59 -0.75
CA SER F 314 12.91 -16.92 -1.61
C SER F 314 12.98 -18.30 -2.23
N PHE F 315 14.15 -18.72 -2.66
CA PHE F 315 14.36 -20.04 -3.26
C PHE F 315 14.05 -21.16 -2.31
N GLN F 316 14.21 -20.92 -1.01
CA GLN F 316 13.93 -21.94 -0.01
C GLN F 316 12.42 -22.07 0.22
N LYS F 317 11.61 -21.87 -0.84
CA LYS F 317 10.16 -21.83 -0.73
C LYS F 317 9.70 -20.66 0.14
#